data_2KSP
#
_entry.id   2KSP
#
loop_
_entity.id
_entity.type
_entity.pdbx_description
1 polymer 'EH domain-containing protein 1'
2 polymer 'MICAL L1 like peptide'
3 non-polymer 'CALCIUM ION'
#
loop_
_entity_poly.entity_id
_entity_poly.type
_entity_poly.pdbx_seq_one_letter_code
_entity_poly.pdbx_strand_id
1 'polypeptide(L)'
;GPLGSDDVEWVVGKDKPTYDEIFYTLSPVNGKITGANAKKEMVKSKLPNTVLGKIWKLADVDKDGLLDDEEFALANHLIK
VKLEGHELPADLPPHLVPPSKRRHE
;
A
2 'polypeptide(L)' LESKPYNPFEEEEED B
#
loop_
_chem_comp.id
_chem_comp.type
_chem_comp.name
_chem_comp.formula
CA non-polymer 'CALCIUM ION' 'Ca 2'
#
# COMPACT_ATOMS: atom_id res chain seq x y z
N GLY A 1 -21.30 17.36 -22.86
CA GLY A 1 -22.03 16.50 -21.92
C GLY A 1 -21.42 16.48 -20.54
N PRO A 2 -22.15 16.93 -19.51
CA PRO A 2 -21.68 16.92 -18.13
C PRO A 2 -21.70 15.52 -17.54
N LEU A 3 -20.54 14.90 -17.48
CA LEU A 3 -20.42 13.56 -16.92
C LEU A 3 -20.39 13.63 -15.39
N GLY A 4 -20.97 12.63 -14.76
CA GLY A 4 -21.07 12.62 -13.32
C GLY A 4 -19.78 12.22 -12.62
N SER A 5 -19.75 12.39 -11.31
CA SER A 5 -18.60 12.02 -10.52
C SER A 5 -18.68 10.57 -10.09
N ASP A 6 -17.65 9.79 -10.40
CA ASP A 6 -17.62 8.38 -10.04
C ASP A 6 -17.06 8.22 -8.63
N ASP A 7 -17.94 8.10 -7.66
CA ASP A 7 -17.54 7.96 -6.28
C ASP A 7 -17.64 6.51 -5.85
N VAL A 8 -16.51 5.84 -5.88
CA VAL A 8 -16.44 4.43 -5.52
C VAL A 8 -16.17 4.30 -4.02
N GLU A 9 -16.58 3.18 -3.43
CA GLU A 9 -16.39 2.99 -2.00
C GLU A 9 -14.97 2.56 -1.69
N TRP A 10 -14.10 3.54 -1.51
CA TRP A 10 -12.73 3.28 -1.09
C TRP A 10 -12.72 3.12 0.42
N VAL A 11 -12.79 1.87 0.88
CA VAL A 11 -12.90 1.55 2.30
C VAL A 11 -11.76 2.15 3.11
N VAL A 12 -10.62 2.37 2.45
CA VAL A 12 -9.45 2.92 3.12
C VAL A 12 -9.73 4.32 3.65
N GLY A 13 -10.77 4.96 3.11
CA GLY A 13 -11.18 6.27 3.59
C GLY A 13 -11.62 6.22 5.04
N LYS A 14 -12.04 5.03 5.49
CA LYS A 14 -12.45 4.81 6.87
C LYS A 14 -11.21 4.53 7.73
N ASP A 15 -10.22 3.98 7.08
CA ASP A 15 -8.97 3.55 7.71
C ASP A 15 -7.98 4.71 7.85
N LYS A 16 -8.10 5.68 6.95
CA LYS A 16 -7.11 6.73 6.75
C LYS A 16 -6.63 7.42 8.02
N PRO A 17 -7.52 7.97 8.88
CA PRO A 17 -7.11 8.77 10.05
C PRO A 17 -6.06 8.06 10.91
N THR A 18 -6.26 6.76 11.09
CA THR A 18 -5.39 5.97 11.97
C THR A 18 -4.01 5.79 11.34
N TYR A 19 -4.00 5.47 10.05
CA TYR A 19 -2.74 5.26 9.35
C TYR A 19 -2.07 6.59 9.04
N ASP A 20 -2.87 7.65 9.08
CA ASP A 20 -2.35 9.00 8.90
C ASP A 20 -1.48 9.34 10.10
N GLU A 21 -1.97 9.02 11.28
CA GLU A 21 -1.23 9.22 12.51
C GLU A 21 0.06 8.39 12.50
N ILE A 22 -0.06 7.14 12.10
CA ILE A 22 1.12 6.25 12.00
C ILE A 22 2.11 6.78 10.96
N PHE A 23 1.57 7.28 9.86
CA PHE A 23 2.38 7.87 8.79
C PHE A 23 3.21 9.03 9.32
N TYR A 24 2.65 9.81 10.24
CA TYR A 24 3.35 10.93 10.83
C TYR A 24 4.39 10.49 11.85
N THR A 25 4.22 9.32 12.44
CA THR A 25 5.14 8.85 13.47
C THR A 25 6.38 8.24 12.85
N LEU A 26 6.32 7.93 11.56
CA LEU A 26 7.46 7.38 10.84
C LEU A 26 8.30 8.49 10.22
N SER A 27 7.89 9.74 10.50
CA SER A 27 8.56 10.92 9.98
C SER A 27 8.36 11.06 8.47
N PRO A 28 7.23 11.66 8.07
CA PRO A 28 6.92 11.87 6.65
C PRO A 28 7.74 13.01 6.04
N VAL A 29 8.65 12.66 5.16
CA VAL A 29 9.50 13.66 4.53
C VAL A 29 8.83 14.20 3.27
N ASN A 30 8.53 15.49 3.31
CA ASN A 30 7.82 16.16 2.21
C ASN A 30 6.44 15.54 1.97
N GLY A 31 5.91 14.89 2.99
CA GLY A 31 4.58 14.33 2.92
C GLY A 31 4.55 12.93 2.30
N LYS A 32 5.69 12.25 2.27
CA LYS A 32 5.74 10.89 1.74
C LYS A 32 6.92 10.15 2.38
N ILE A 33 6.64 9.00 2.99
CA ILE A 33 7.69 8.24 3.65
C ILE A 33 8.42 7.35 2.67
N THR A 34 9.66 7.02 3.01
CA THR A 34 10.51 6.24 2.14
C THR A 34 10.30 4.74 2.38
N GLY A 35 10.98 3.92 1.58
CA GLY A 35 10.87 2.49 1.73
C GLY A 35 11.45 1.99 3.04
N ALA A 36 12.41 2.73 3.58
CA ALA A 36 13.07 2.34 4.83
C ALA A 36 12.12 2.47 6.01
N ASN A 37 11.39 3.57 6.04
CA ASN A 37 10.47 3.88 7.14
C ASN A 37 9.40 2.80 7.22
N ALA A 38 8.76 2.52 6.10
CA ALA A 38 7.71 1.53 6.06
C ALA A 38 8.27 0.12 6.14
N LYS A 39 9.53 -0.07 5.77
CA LYS A 39 10.16 -1.38 5.87
C LYS A 39 10.26 -1.79 7.33
N LYS A 40 10.73 -0.90 8.19
CA LYS A 40 10.83 -1.22 9.60
C LYS A 40 9.44 -1.30 10.23
N GLU A 41 8.47 -0.57 9.68
CA GLU A 41 7.10 -0.67 10.15
C GLU A 41 6.53 -2.05 9.82
N MET A 42 6.80 -2.50 8.60
CA MET A 42 6.34 -3.79 8.13
C MET A 42 6.91 -4.94 8.97
N VAL A 43 8.19 -4.83 9.35
CA VAL A 43 8.80 -5.87 10.18
C VAL A 43 8.27 -5.81 11.61
N LYS A 44 7.78 -4.64 12.02
CA LYS A 44 7.14 -4.51 13.33
C LYS A 44 5.78 -5.17 13.31
N SER A 45 5.21 -5.28 12.13
CA SER A 45 3.91 -5.94 11.96
C SER A 45 4.02 -7.45 12.21
N LYS A 46 5.26 -7.97 12.21
CA LYS A 46 5.54 -9.38 12.50
C LYS A 46 5.00 -10.31 11.41
N LEU A 47 4.97 -9.83 10.18
CA LEU A 47 4.54 -10.66 9.06
C LEU A 47 5.76 -11.23 8.34
N PRO A 48 5.61 -12.40 7.68
CA PRO A 48 6.68 -12.99 6.85
C PRO A 48 7.13 -12.03 5.76
N ASN A 49 8.42 -12.03 5.45
CA ASN A 49 9.01 -11.07 4.52
C ASN A 49 8.35 -11.15 3.15
N THR A 50 7.95 -12.37 2.76
CA THR A 50 7.26 -12.59 1.51
C THR A 50 5.96 -11.78 1.45
N VAL A 51 5.27 -11.70 2.58
CA VAL A 51 3.99 -11.02 2.65
C VAL A 51 4.20 -9.53 2.50
N LEU A 52 5.27 -9.05 3.11
CA LEU A 52 5.64 -7.64 3.03
C LEU A 52 5.84 -7.22 1.58
N GLY A 53 6.57 -8.03 0.84
CA GLY A 53 6.82 -7.75 -0.56
C GLY A 53 5.54 -7.71 -1.37
N LYS A 54 4.62 -8.62 -1.07
CA LYS A 54 3.34 -8.68 -1.79
C LYS A 54 2.47 -7.47 -1.44
N ILE A 55 2.40 -7.16 -0.15
CA ILE A 55 1.63 -6.02 0.32
C ILE A 55 2.11 -4.75 -0.35
N TRP A 56 3.43 -4.56 -0.37
CA TRP A 56 4.03 -3.38 -0.94
C TRP A 56 3.74 -3.27 -2.43
N LYS A 57 3.95 -4.38 -3.13
CA LYS A 57 3.84 -4.40 -4.58
C LYS A 57 2.41 -4.13 -5.04
N LEU A 58 1.44 -4.42 -4.18
CA LEU A 58 0.04 -4.09 -4.43
C LEU A 58 -0.27 -2.66 -3.98
N ALA A 59 0.14 -2.32 -2.76
CA ALA A 59 -0.20 -1.04 -2.15
C ALA A 59 0.44 0.16 -2.85
N ASP A 60 1.67 0.00 -3.30
CA ASP A 60 2.35 1.09 -3.99
C ASP A 60 1.82 1.21 -5.41
N VAL A 61 0.74 1.96 -5.55
CA VAL A 61 0.07 2.10 -6.83
C VAL A 61 0.85 3.05 -7.75
N ASP A 62 1.61 3.95 -7.15
CA ASP A 62 2.40 4.89 -7.94
C ASP A 62 3.56 4.18 -8.64
N LYS A 63 3.98 3.05 -8.06
CA LYS A 63 5.20 2.37 -8.50
C LYS A 63 6.37 3.34 -8.40
N ASP A 64 6.30 4.19 -7.38
CA ASP A 64 7.25 5.27 -7.20
C ASP A 64 8.31 4.90 -6.19
N GLY A 65 8.02 3.88 -5.37
CA GLY A 65 9.00 3.43 -4.38
C GLY A 65 8.81 4.09 -3.03
N LEU A 66 7.91 5.07 -2.98
CA LEU A 66 7.58 5.76 -1.74
C LEU A 66 6.12 5.52 -1.40
N LEU A 67 5.76 5.72 -0.15
CA LEU A 67 4.37 5.57 0.27
C LEU A 67 3.88 6.88 0.89
N ASP A 68 2.93 7.51 0.23
CA ASP A 68 2.26 8.66 0.80
C ASP A 68 1.12 8.17 1.70
N ASP A 69 0.34 9.08 2.25
CA ASP A 69 -0.62 8.71 3.28
C ASP A 69 -1.70 7.76 2.76
N GLU A 70 -2.02 7.81 1.46
CA GLU A 70 -3.06 6.92 0.94
C GLU A 70 -2.46 5.57 0.55
N GLU A 71 -1.26 5.58 -0.02
CA GLU A 71 -0.55 4.34 -0.34
C GLU A 71 -0.24 3.57 0.94
N PHE A 72 0.28 4.30 1.92
CA PHE A 72 0.67 3.73 3.20
C PHE A 72 -0.54 3.18 3.94
N ALA A 73 -1.66 3.89 3.86
CA ALA A 73 -2.88 3.43 4.48
C ALA A 73 -3.38 2.15 3.83
N LEU A 74 -3.17 2.02 2.52
CA LEU A 74 -3.50 0.80 1.81
C LEU A 74 -2.56 -0.33 2.24
N ALA A 75 -1.29 0.00 2.37
CA ALA A 75 -0.30 -0.95 2.89
C ALA A 75 -0.76 -1.50 4.23
N ASN A 76 -1.09 -0.62 5.16
CA ASN A 76 -1.53 -1.03 6.49
C ASN A 76 -2.87 -1.77 6.41
N HIS A 77 -3.76 -1.30 5.55
CA HIS A 77 -5.07 -1.95 5.36
C HIS A 77 -4.87 -3.41 4.94
N LEU A 78 -4.00 -3.63 3.96
CA LEU A 78 -3.74 -4.97 3.45
C LEU A 78 -3.10 -5.85 4.53
N ILE A 79 -2.14 -5.28 5.25
CA ILE A 79 -1.50 -5.99 6.36
C ILE A 79 -2.54 -6.42 7.38
N LYS A 80 -3.46 -5.52 7.69
CA LYS A 80 -4.54 -5.80 8.63
C LYS A 80 -5.40 -6.94 8.12
N VAL A 81 -5.73 -6.94 6.82
CA VAL A 81 -6.53 -8.02 6.23
C VAL A 81 -5.85 -9.37 6.49
N LYS A 82 -4.52 -9.39 6.33
CA LYS A 82 -3.73 -10.58 6.62
C LYS A 82 -3.83 -10.95 8.09
N LEU A 83 -3.73 -9.95 8.97
CA LEU A 83 -3.83 -10.16 10.41
C LEU A 83 -5.22 -10.66 10.82
N GLU A 84 -6.22 -10.27 10.05
CA GLU A 84 -7.60 -10.70 10.31
C GLU A 84 -7.78 -12.17 9.95
N GLY A 85 -6.74 -12.78 9.40
CA GLY A 85 -6.79 -14.20 9.05
C GLY A 85 -7.08 -14.41 7.57
N HIS A 86 -7.18 -13.31 6.84
CA HIS A 86 -7.55 -13.37 5.43
C HIS A 86 -6.37 -12.95 4.57
N GLU A 87 -6.58 -12.93 3.26
CA GLU A 87 -5.55 -12.51 2.33
C GLU A 87 -6.14 -11.64 1.23
N LEU A 88 -5.30 -10.83 0.63
CA LEU A 88 -5.71 -9.98 -0.48
C LEU A 88 -5.70 -10.81 -1.77
N PRO A 89 -6.70 -10.61 -2.63
CA PRO A 89 -6.88 -11.42 -3.85
C PRO A 89 -5.86 -11.11 -4.95
N ALA A 90 -4.87 -10.30 -4.62
CA ALA A 90 -3.84 -9.85 -5.57
C ALA A 90 -4.46 -9.01 -6.68
N ASP A 91 -5.66 -8.49 -6.42
CA ASP A 91 -6.34 -7.63 -7.37
C ASP A 91 -6.61 -6.29 -6.74
N LEU A 92 -6.20 -5.23 -7.43
CA LEU A 92 -6.63 -3.89 -7.08
C LEU A 92 -7.85 -3.49 -7.91
N PRO A 93 -9.06 -3.63 -7.35
CA PRO A 93 -10.29 -3.21 -8.00
C PRO A 93 -10.55 -1.71 -7.78
N PRO A 94 -11.57 -1.14 -8.44
CA PRO A 94 -11.92 0.28 -8.30
C PRO A 94 -12.11 0.71 -6.84
N HIS A 95 -12.59 -0.21 -6.00
CA HIS A 95 -12.89 0.13 -4.61
C HIS A 95 -11.67 -0.12 -3.71
N LEU A 96 -10.50 -0.29 -4.31
CA LEU A 96 -9.25 -0.38 -3.57
C LEU A 96 -8.20 0.54 -4.18
N VAL A 97 -8.30 0.79 -5.48
CA VAL A 97 -7.43 1.76 -6.14
C VAL A 97 -7.86 3.17 -5.79
N PRO A 98 -6.96 3.95 -5.19
CA PRO A 98 -7.24 5.32 -4.80
C PRO A 98 -7.58 6.19 -6.00
N PRO A 99 -8.46 7.18 -5.83
CA PRO A 99 -8.90 8.07 -6.91
C PRO A 99 -7.74 8.80 -7.57
N SER A 100 -6.65 8.98 -6.82
CA SER A 100 -5.48 9.66 -7.34
C SER A 100 -4.83 8.85 -8.46
N LYS A 101 -5.12 7.54 -8.49
CA LYS A 101 -4.54 6.67 -9.49
C LYS A 101 -5.61 6.01 -10.36
N ARG A 102 -6.77 6.67 -10.49
CA ARG A 102 -7.84 6.15 -11.33
C ARG A 102 -7.74 6.72 -12.74
N ARG A 103 -7.40 5.86 -13.68
CA ARG A 103 -7.19 6.27 -15.07
C ARG A 103 -8.49 6.53 -15.78
N HIS A 104 -8.67 7.76 -16.25
CA HIS A 104 -9.80 8.08 -17.10
C HIS A 104 -9.33 8.18 -18.55
N GLU A 105 -10.00 7.43 -19.42
CA GLU A 105 -9.67 7.40 -20.85
C GLU A 105 -8.25 6.89 -21.05
N LEU B 1 13.62 -6.37 -16.16
CA LEU B 1 12.48 -5.51 -15.78
C LEU B 1 11.51 -6.25 -14.86
N GLU B 2 11.73 -7.55 -14.67
CA GLU B 2 10.82 -8.33 -13.85
C GLU B 2 11.19 -8.25 -12.38
N SER B 3 12.47 -8.10 -12.10
CA SER B 3 12.91 -7.84 -10.74
C SER B 3 12.53 -6.40 -10.39
N LYS B 4 11.51 -6.22 -9.57
CA LYS B 4 10.98 -4.91 -9.29
C LYS B 4 11.74 -4.24 -8.14
N PRO B 5 12.57 -3.23 -8.45
CA PRO B 5 13.48 -2.61 -7.49
C PRO B 5 12.81 -1.49 -6.70
N TYR B 6 11.49 -1.45 -6.73
CA TYR B 6 10.73 -0.42 -6.05
C TYR B 6 10.22 -0.95 -4.72
N ASN B 7 10.59 -2.18 -4.43
CA ASN B 7 10.12 -2.86 -3.24
C ASN B 7 11.29 -3.13 -2.30
N PRO B 8 11.26 -2.55 -1.08
CA PRO B 8 12.33 -2.74 -0.08
C PRO B 8 12.31 -4.13 0.54
N PHE B 9 11.35 -4.94 0.14
CA PHE B 9 11.29 -6.32 0.58
C PHE B 9 11.65 -7.23 -0.57
N GLU B 10 12.06 -6.60 -1.67
CA GLU B 10 12.39 -7.30 -2.90
C GLU B 10 13.77 -6.83 -3.37
N GLU B 11 14.49 -6.20 -2.45
CA GLU B 11 15.81 -5.65 -2.74
C GLU B 11 16.87 -6.75 -2.79
N GLU B 12 17.01 -7.35 -3.99
CA GLU B 12 17.99 -8.40 -4.27
C GLU B 12 17.62 -9.73 -3.61
N GLU B 13 18.00 -10.84 -4.24
CA GLU B 13 17.56 -12.15 -3.78
C GLU B 13 18.70 -12.89 -3.09
N GLU B 14 19.67 -13.36 -3.87
CA GLU B 14 20.77 -14.15 -3.33
C GLU B 14 22.09 -13.43 -3.57
N ASP B 15 22.10 -12.61 -4.62
CA ASP B 15 23.26 -11.83 -5.00
C ASP B 15 22.78 -10.50 -5.54
CA CA C . 4.04 4.91 -3.83
N GLY A 1 -29.93 0.14 -23.41
CA GLY A 1 -28.64 0.22 -22.70
C GLY A 1 -28.75 -0.20 -21.26
N PRO A 2 -27.97 -1.21 -20.84
CA PRO A 2 -27.96 -1.67 -19.45
C PRO A 2 -27.23 -0.70 -18.53
N LEU A 3 -27.89 -0.28 -17.45
CA LEU A 3 -27.32 0.71 -16.56
C LEU A 3 -26.59 0.03 -15.39
N GLY A 4 -25.30 0.31 -15.29
CA GLY A 4 -24.53 -0.18 -14.17
C GLY A 4 -24.23 0.94 -13.19
N SER A 5 -24.37 0.65 -11.91
CA SER A 5 -24.21 1.66 -10.89
C SER A 5 -22.75 1.96 -10.59
N ASP A 6 -22.33 3.18 -10.88
CA ASP A 6 -21.00 3.64 -10.54
C ASP A 6 -21.01 4.22 -9.13
N ASP A 7 -20.69 3.38 -8.16
CA ASP A 7 -20.64 3.78 -6.77
C ASP A 7 -19.52 3.03 -6.07
N VAL A 8 -18.45 3.75 -5.75
CA VAL A 8 -17.28 3.15 -5.15
C VAL A 8 -17.23 3.44 -3.65
N GLU A 9 -17.14 2.39 -2.85
CA GLU A 9 -16.97 2.53 -1.42
C GLU A 9 -15.51 2.26 -1.04
N TRP A 10 -14.77 3.31 -0.73
CA TRP A 10 -13.38 3.16 -0.35
C TRP A 10 -13.30 2.93 1.15
N VAL A 11 -13.26 1.65 1.51
CA VAL A 11 -13.33 1.23 2.92
C VAL A 11 -12.07 1.58 3.70
N VAL A 12 -11.17 2.30 3.06
CA VAL A 12 -9.92 2.70 3.69
C VAL A 12 -10.07 4.09 4.30
N GLY A 13 -11.09 4.80 3.88
CA GLY A 13 -11.30 6.14 4.38
C GLY A 13 -11.70 6.16 5.85
N LYS A 14 -12.17 5.02 6.36
CA LYS A 14 -12.62 4.93 7.74
C LYS A 14 -11.47 4.61 8.68
N ASP A 15 -10.46 3.94 8.17
CA ASP A 15 -9.28 3.60 8.96
C ASP A 15 -8.15 4.57 8.64
N LYS A 16 -8.42 5.46 7.69
CA LYS A 16 -7.44 6.41 7.18
C LYS A 16 -6.79 7.25 8.29
N PRO A 17 -7.59 7.88 9.19
CA PRO A 17 -7.05 8.71 10.28
C PRO A 17 -5.98 7.97 11.09
N THR A 18 -6.21 6.69 11.31
CA THR A 18 -5.27 5.85 12.03
C THR A 18 -3.99 5.63 11.23
N TYR A 19 -4.15 5.43 9.92
CA TYR A 19 -2.99 5.23 9.05
C TYR A 19 -2.21 6.53 8.92
N ASP A 20 -2.91 7.64 9.13
CA ASP A 20 -2.32 8.96 9.06
C ASP A 20 -1.43 9.19 10.28
N GLU A 21 -1.95 8.82 11.44
CA GLU A 21 -1.20 8.92 12.69
C GLU A 21 0.08 8.11 12.60
N ILE A 22 -0.03 6.87 12.10
CA ILE A 22 1.14 6.01 11.94
C ILE A 22 2.11 6.60 10.93
N PHE A 23 1.57 7.08 9.81
CA PHE A 23 2.34 7.67 8.72
C PHE A 23 3.27 8.77 9.24
N TYR A 24 2.76 9.64 10.09
CA TYR A 24 3.55 10.76 10.59
C TYR A 24 4.47 10.36 11.73
N THR A 25 4.14 9.29 12.45
CA THR A 25 5.00 8.81 13.52
C THR A 25 6.22 8.09 12.95
N LEU A 26 6.13 7.72 11.68
CA LEU A 26 7.24 7.09 10.97
C LEU A 26 8.18 8.16 10.42
N SER A 27 7.72 9.41 10.49
CA SER A 27 8.46 10.56 9.98
C SER A 27 8.53 10.55 8.45
N PRO A 28 7.57 11.24 7.80
CA PRO A 28 7.50 11.36 6.36
C PRO A 28 8.39 12.49 5.83
N VAL A 29 9.04 12.27 4.72
CA VAL A 29 9.92 13.27 4.15
C VAL A 29 9.19 14.05 3.06
N ASN A 30 8.86 15.30 3.39
CA ASN A 30 8.15 16.19 2.48
C ASN A 30 6.76 15.65 2.15
N GLY A 31 6.17 14.95 3.11
CA GLY A 31 4.81 14.47 2.95
C GLY A 31 4.69 13.06 2.41
N LYS A 32 5.82 12.41 2.14
CA LYS A 32 5.80 11.03 1.64
C LYS A 32 6.89 10.23 2.35
N ILE A 33 6.59 9.00 2.74
CA ILE A 33 7.56 8.19 3.47
C ILE A 33 8.36 7.31 2.52
N THR A 34 9.54 6.91 2.98
CA THR A 34 10.43 6.09 2.19
C THR A 34 10.14 4.61 2.41
N GLY A 35 10.88 3.75 1.74
CA GLY A 35 10.72 2.33 1.94
C GLY A 35 11.30 1.86 3.26
N ALA A 36 12.10 2.72 3.88
CA ALA A 36 12.75 2.38 5.15
C ALA A 36 11.79 2.55 6.31
N ASN A 37 11.00 3.61 6.25
CA ASN A 37 10.01 3.92 7.28
C ASN A 37 8.96 2.80 7.34
N ALA A 38 8.40 2.51 6.18
CA ALA A 38 7.40 1.46 6.08
C ALA A 38 8.03 0.09 6.33
N LYS A 39 9.32 -0.05 6.08
CA LYS A 39 10.00 -1.31 6.33
C LYS A 39 10.04 -1.62 7.82
N LYS A 40 10.42 -0.62 8.62
CA LYS A 40 10.50 -0.82 10.07
C LYS A 40 9.12 -1.09 10.65
N GLU A 41 8.10 -0.50 10.03
CA GLU A 41 6.72 -0.76 10.44
C GLU A 41 6.30 -2.18 10.07
N MET A 42 6.57 -2.54 8.81
CA MET A 42 6.23 -3.86 8.29
C MET A 42 6.87 -4.98 9.10
N VAL A 43 8.16 -4.85 9.39
CA VAL A 43 8.87 -5.87 10.16
C VAL A 43 8.35 -5.93 11.59
N LYS A 44 7.99 -4.76 12.14
CA LYS A 44 7.38 -4.67 13.46
C LYS A 44 6.02 -5.36 13.50
N SER A 45 5.42 -5.58 12.35
CA SER A 45 4.15 -6.29 12.27
C SER A 45 4.37 -7.82 12.26
N LYS A 46 5.62 -8.24 12.37
CA LYS A 46 6.00 -9.65 12.40
C LYS A 46 5.48 -10.43 11.19
N LEU A 47 5.72 -9.91 10.00
CA LEU A 47 5.31 -10.58 8.78
C LEU A 47 6.54 -10.86 7.90
N PRO A 48 6.57 -12.03 7.25
CA PRO A 48 7.69 -12.42 6.37
C PRO A 48 7.90 -11.44 5.21
N ASN A 49 9.16 -11.36 4.76
CA ASN A 49 9.53 -10.46 3.66
C ASN A 49 8.63 -10.64 2.44
N THR A 50 8.37 -11.89 2.07
CA THR A 50 7.53 -12.20 0.93
C THR A 50 6.13 -11.59 1.10
N VAL A 51 5.59 -11.69 2.31
CA VAL A 51 4.27 -11.14 2.59
C VAL A 51 4.32 -9.62 2.53
N LEU A 52 5.37 -9.05 3.09
CA LEU A 52 5.58 -7.61 3.07
C LEU A 52 5.73 -7.12 1.64
N GLY A 53 6.41 -7.91 0.82
CA GLY A 53 6.59 -7.59 -0.58
C GLY A 53 5.26 -7.54 -1.32
N LYS A 54 4.35 -8.44 -0.96
CA LYS A 54 3.01 -8.46 -1.56
C LYS A 54 2.25 -7.20 -1.16
N ILE A 55 2.29 -6.89 0.12
CA ILE A 55 1.66 -5.69 0.65
C ILE A 55 2.17 -4.47 -0.09
N TRP A 56 3.49 -4.36 -0.19
CA TRP A 56 4.11 -3.21 -0.84
C TRP A 56 3.79 -3.16 -2.33
N LYS A 57 3.88 -4.30 -3.00
CA LYS A 57 3.72 -4.34 -4.46
C LYS A 57 2.27 -4.01 -4.85
N LEU A 58 1.37 -4.17 -3.89
CA LEU A 58 -0.02 -3.80 -4.10
C LEU A 58 -0.28 -2.36 -3.63
N ALA A 59 0.36 -1.99 -2.53
CA ALA A 59 0.14 -0.67 -1.92
C ALA A 59 0.78 0.43 -2.73
N ASP A 60 1.93 0.14 -3.33
CA ASP A 60 2.63 1.15 -4.12
C ASP A 60 2.07 1.16 -5.54
N VAL A 61 0.97 1.87 -5.69
CA VAL A 61 0.21 1.87 -6.94
C VAL A 61 0.94 2.69 -8.00
N ASP A 62 1.71 3.67 -7.57
CA ASP A 62 2.46 4.53 -8.50
C ASP A 62 3.80 3.92 -8.87
N LYS A 63 4.18 2.85 -8.14
CA LYS A 63 5.47 2.16 -8.36
C LYS A 63 6.63 3.15 -8.31
N ASP A 64 6.67 3.94 -7.25
CA ASP A 64 7.68 4.98 -7.11
C ASP A 64 8.66 4.66 -5.99
N GLY A 65 8.36 3.62 -5.22
CA GLY A 65 9.24 3.21 -4.15
C GLY A 65 8.99 3.98 -2.86
N LEU A 66 7.97 4.83 -2.88
CA LEU A 66 7.59 5.61 -1.71
C LEU A 66 6.10 5.46 -1.45
N LEU A 67 5.67 5.81 -0.25
CA LEU A 67 4.24 5.73 0.08
C LEU A 67 3.71 7.08 0.53
N ASP A 68 2.77 7.63 -0.22
CA ASP A 68 2.03 8.81 0.25
C ASP A 68 0.92 8.34 1.18
N ASP A 69 0.12 9.26 1.67
CA ASP A 69 -0.89 8.92 2.68
C ASP A 69 -1.89 7.89 2.16
N GLU A 70 -2.15 7.87 0.85
CA GLU A 70 -3.10 6.93 0.28
C GLU A 70 -2.43 5.58 0.06
N GLU A 71 -1.21 5.60 -0.46
CA GLU A 71 -0.47 4.36 -0.72
C GLU A 71 -0.16 3.65 0.59
N PHE A 72 0.21 4.42 1.60
CA PHE A 72 0.50 3.90 2.92
C PHE A 72 -0.77 3.40 3.57
N ALA A 73 -1.88 4.08 3.30
CA ALA A 73 -3.18 3.64 3.79
C ALA A 73 -3.54 2.29 3.20
N LEU A 74 -3.28 2.12 1.91
CA LEU A 74 -3.45 0.84 1.24
C LEU A 74 -2.57 -0.20 1.91
N ALA A 75 -1.32 0.18 2.19
CA ALA A 75 -0.36 -0.70 2.85
C ALA A 75 -0.91 -1.20 4.18
N ASN A 76 -1.31 -0.28 5.03
CA ASN A 76 -1.80 -0.65 6.36
C ASN A 76 -3.11 -1.42 6.25
N HIS A 77 -3.93 -1.06 5.27
CA HIS A 77 -5.20 -1.74 5.06
C HIS A 77 -4.96 -3.20 4.69
N LEU A 78 -3.98 -3.43 3.81
CA LEU A 78 -3.65 -4.79 3.38
C LEU A 78 -3.08 -5.58 4.54
N ILE A 79 -2.24 -4.95 5.35
CA ILE A 79 -1.71 -5.56 6.55
C ILE A 79 -2.85 -5.92 7.50
N LYS A 80 -3.82 -5.02 7.60
CA LYS A 80 -5.01 -5.29 8.39
C LYS A 80 -5.74 -6.52 7.88
N VAL A 81 -5.94 -6.61 6.56
CA VAL A 81 -6.58 -7.79 5.96
C VAL A 81 -5.81 -9.06 6.32
N LYS A 82 -4.48 -8.95 6.24
CA LYS A 82 -3.59 -10.05 6.55
C LYS A 82 -3.79 -10.54 7.98
N LEU A 83 -3.87 -9.61 8.93
CA LEU A 83 -4.03 -9.94 10.34
C LEU A 83 -5.49 -10.26 10.67
N GLU A 84 -6.39 -9.83 9.79
CA GLU A 84 -7.82 -10.13 9.93
C GLU A 84 -8.10 -11.61 9.68
N GLY A 85 -7.08 -12.33 9.24
CA GLY A 85 -7.26 -13.74 8.93
C GLY A 85 -7.67 -13.93 7.48
N HIS A 86 -7.35 -12.95 6.66
CA HIS A 86 -7.70 -13.01 5.25
C HIS A 86 -6.47 -12.71 4.39
N GLU A 87 -6.70 -12.60 3.11
CA GLU A 87 -5.62 -12.50 2.16
C GLU A 87 -5.88 -11.39 1.17
N LEU A 88 -4.82 -10.95 0.53
CA LEU A 88 -4.91 -9.99 -0.54
C LEU A 88 -4.64 -10.71 -1.86
N PRO A 89 -5.66 -10.75 -2.74
CA PRO A 89 -5.65 -11.62 -3.93
C PRO A 89 -4.73 -11.14 -5.05
N ALA A 90 -3.71 -10.38 -4.69
CA ALA A 90 -2.72 -9.87 -5.65
C ALA A 90 -3.39 -9.02 -6.72
N ASP A 91 -4.53 -8.45 -6.39
CA ASP A 91 -5.31 -7.66 -7.33
C ASP A 91 -5.70 -6.33 -6.71
N LEU A 92 -5.61 -5.27 -7.49
CA LEU A 92 -6.11 -3.98 -7.06
C LEU A 92 -7.41 -3.62 -7.77
N PRO A 93 -8.55 -4.01 -7.19
CA PRO A 93 -9.88 -3.67 -7.72
C PRO A 93 -10.23 -2.19 -7.50
N PRO A 94 -11.18 -1.67 -8.30
CA PRO A 94 -11.55 -0.23 -8.28
C PRO A 94 -12.01 0.27 -6.91
N HIS A 95 -12.59 -0.61 -6.10
CA HIS A 95 -13.10 -0.20 -4.79
C HIS A 95 -12.00 -0.23 -3.72
N LEU A 96 -10.77 -0.48 -4.13
CA LEU A 96 -9.64 -0.49 -3.21
C LEU A 96 -8.57 0.51 -3.61
N VAL A 97 -8.53 0.85 -4.89
CA VAL A 97 -7.52 1.78 -5.39
C VAL A 97 -7.93 3.23 -5.16
N PRO A 98 -6.96 4.10 -4.81
CA PRO A 98 -7.20 5.53 -4.64
C PRO A 98 -7.63 6.19 -5.95
N PRO A 99 -8.65 7.07 -5.88
CA PRO A 99 -9.21 7.72 -7.07
C PRO A 99 -8.17 8.54 -7.82
N SER A 100 -7.21 9.08 -7.07
CA SER A 100 -6.13 9.88 -7.65
C SER A 100 -5.22 9.02 -8.52
N LYS A 101 -5.10 7.75 -8.18
CA LYS A 101 -4.26 6.81 -8.91
C LYS A 101 -4.98 6.19 -10.11
N ARG A 102 -6.17 6.70 -10.43
CA ARG A 102 -6.94 6.15 -11.54
C ARG A 102 -6.52 6.78 -12.87
N ARG A 103 -5.79 6.02 -13.67
CA ARG A 103 -5.38 6.45 -15.00
C ARG A 103 -6.14 5.67 -16.06
N HIS A 104 -6.39 6.29 -17.21
CA HIS A 104 -7.23 5.67 -18.23
C HIS A 104 -6.40 4.93 -19.27
N GLU A 105 -6.31 3.61 -19.09
CA GLU A 105 -5.73 2.68 -20.07
C GLU A 105 -5.48 1.34 -19.39
N LEU B 1 11.22 -11.69 -13.24
CA LEU B 1 11.57 -12.23 -11.90
C LEU B 1 12.92 -11.69 -11.47
N GLU B 2 12.90 -10.53 -10.83
CA GLU B 2 14.11 -9.79 -10.53
C GLU B 2 13.96 -9.10 -9.18
N SER B 3 15.08 -8.68 -8.59
CA SER B 3 15.03 -7.86 -7.38
C SER B 3 14.42 -6.50 -7.73
N LYS B 4 13.14 -6.37 -7.45
CA LYS B 4 12.37 -5.20 -7.88
C LYS B 4 12.89 -3.93 -7.22
N PRO B 5 13.43 -2.98 -8.02
CA PRO B 5 14.04 -1.75 -7.51
C PRO B 5 13.00 -0.74 -7.00
N TYR B 6 11.84 -1.25 -6.64
CA TYR B 6 10.76 -0.43 -6.10
C TYR B 6 10.24 -1.01 -4.79
N ASN B 7 10.56 -2.27 -4.55
CA ASN B 7 10.04 -2.98 -3.39
C ASN B 7 11.19 -3.34 -2.45
N PRO B 8 11.26 -2.68 -1.29
CA PRO B 8 12.34 -2.89 -0.31
C PRO B 8 12.24 -4.24 0.39
N PHE B 9 11.16 -4.96 0.13
CA PHE B 9 10.98 -6.29 0.69
C PHE B 9 11.19 -7.36 -0.37
N GLU B 10 11.40 -6.91 -1.60
CA GLU B 10 11.62 -7.82 -2.72
C GLU B 10 13.08 -7.75 -3.15
N GLU B 11 13.91 -7.31 -2.21
CA GLU B 11 15.35 -7.21 -2.43
C GLU B 11 15.99 -8.60 -2.38
N GLU B 12 16.07 -9.14 -1.16
CA GLU B 12 16.70 -10.43 -0.91
C GLU B 12 18.06 -10.58 -1.61
N GLU B 13 18.06 -11.28 -2.74
CA GLU B 13 19.29 -11.59 -3.45
C GLU B 13 18.98 -12.13 -4.84
N GLU B 14 20.00 -12.60 -5.53
CA GLU B 14 19.83 -13.17 -6.86
C GLU B 14 19.32 -14.60 -6.76
N ASP B 15 18.00 -14.74 -6.65
CA ASP B 15 17.37 -16.04 -6.52
C ASP B 15 16.97 -16.56 -7.89
CA CA C . 4.33 4.93 -4.44
N GLY A 1 -34.72 -3.16 2.14
CA GLY A 1 -34.03 -4.13 1.26
C GLY A 1 -32.74 -3.57 0.68
N PRO A 2 -31.73 -4.42 0.43
CA PRO A 2 -30.47 -3.98 -0.17
C PRO A 2 -30.64 -3.68 -1.66
N LEU A 3 -30.60 -2.41 -2.01
CA LEU A 3 -30.81 -1.99 -3.39
C LEU A 3 -29.52 -2.11 -4.19
N GLY A 4 -29.66 -2.37 -5.48
CA GLY A 4 -28.50 -2.48 -6.34
C GLY A 4 -27.95 -1.13 -6.75
N SER A 5 -27.35 -0.44 -5.79
CA SER A 5 -26.70 0.83 -6.06
C SER A 5 -25.32 0.86 -5.41
N ASP A 6 -24.28 0.90 -6.23
CA ASP A 6 -22.93 0.86 -5.73
C ASP A 6 -22.26 2.23 -5.80
N ASP A 7 -22.19 2.88 -4.66
CA ASP A 7 -21.43 4.12 -4.54
C ASP A 7 -19.99 3.78 -4.20
N VAL A 8 -19.06 4.44 -4.87
CA VAL A 8 -17.66 4.16 -4.67
C VAL A 8 -17.16 4.76 -3.36
N GLU A 9 -16.80 3.90 -2.42
CA GLU A 9 -16.24 4.33 -1.16
C GLU A 9 -14.80 3.85 -1.04
N TRP A 10 -13.92 4.71 -0.58
CA TRP A 10 -12.57 4.29 -0.29
C TRP A 10 -12.57 3.65 1.09
N VAL A 11 -12.49 2.32 1.11
CA VAL A 11 -12.66 1.55 2.34
C VAL A 11 -11.68 1.97 3.43
N VAL A 12 -10.51 2.45 3.03
CA VAL A 12 -9.50 2.87 3.99
C VAL A 12 -9.84 4.25 4.57
N GLY A 13 -10.78 4.92 3.93
CA GLY A 13 -11.18 6.24 4.39
C GLY A 13 -11.83 6.20 5.76
N LYS A 14 -12.40 5.05 6.11
CA LYS A 14 -13.11 4.92 7.37
C LYS A 14 -12.15 4.54 8.50
N ASP A 15 -10.87 4.40 8.18
CA ASP A 15 -9.86 4.15 9.19
C ASP A 15 -8.60 4.96 8.90
N LYS A 16 -8.80 6.03 8.12
CA LYS A 16 -7.71 6.94 7.78
C LYS A 16 -7.05 7.56 9.02
N PRO A 17 -7.81 7.95 10.08
CA PRO A 17 -7.22 8.49 11.32
C PRO A 17 -6.12 7.59 11.87
N THR A 18 -6.36 6.28 11.84
CA THR A 18 -5.37 5.32 12.33
C THR A 18 -4.17 5.28 11.39
N TYR A 19 -4.45 5.25 10.09
CA TYR A 19 -3.38 5.17 9.10
C TYR A 19 -2.60 6.48 9.04
N ASP A 20 -3.25 7.55 9.47
CA ASP A 20 -2.66 8.88 9.48
C ASP A 20 -1.69 8.97 10.64
N GLU A 21 -2.14 8.49 11.80
CA GLU A 21 -1.31 8.43 12.99
C GLU A 21 0.00 7.70 12.69
N ILE A 22 -0.12 6.48 12.17
CA ILE A 22 1.06 5.65 11.91
C ILE A 22 1.95 6.27 10.83
N PHE A 23 1.34 6.76 9.76
CA PHE A 23 2.08 7.38 8.66
C PHE A 23 2.90 8.57 9.16
N TYR A 24 2.28 9.40 10.00
CA TYR A 24 2.94 10.61 10.50
C TYR A 24 3.96 10.30 11.58
N THR A 25 3.81 9.18 12.28
CA THR A 25 4.76 8.78 13.30
C THR A 25 6.04 8.23 12.68
N LEU A 26 5.96 7.87 11.39
CA LEU A 26 7.12 7.41 10.66
C LEU A 26 7.87 8.58 10.03
N SER A 27 7.29 9.77 10.19
CA SER A 27 7.87 11.02 9.70
C SER A 27 7.84 11.10 8.17
N PRO A 28 6.75 11.64 7.62
CA PRO A 28 6.59 11.78 6.17
C PRO A 28 7.20 13.08 5.63
N VAL A 29 8.20 12.95 4.79
CA VAL A 29 8.83 14.10 4.16
C VAL A 29 8.14 14.39 2.85
N ASN A 30 7.82 15.67 2.62
CA ASN A 30 7.09 16.14 1.43
C ASN A 30 5.83 15.30 1.16
N GLY A 31 5.31 14.67 2.21
CA GLY A 31 4.10 13.90 2.09
C GLY A 31 4.35 12.42 1.83
N LYS A 32 5.60 12.00 1.86
CA LYS A 32 5.93 10.59 1.63
C LYS A 32 6.93 10.07 2.63
N ILE A 33 6.89 8.76 2.81
CA ILE A 33 7.90 8.07 3.59
C ILE A 33 8.69 7.15 2.66
N THR A 34 9.93 6.88 3.02
CA THR A 34 10.75 6.02 2.19
C THR A 34 10.55 4.56 2.56
N GLY A 35 11.18 3.67 1.82
CA GLY A 35 11.05 2.26 2.08
C GLY A 35 11.61 1.87 3.43
N ALA A 36 12.59 2.63 3.93
CA ALA A 36 13.27 2.33 5.18
C ALA A 36 12.30 2.33 6.36
N ASN A 37 11.50 3.37 6.45
CA ASN A 37 10.62 3.56 7.60
C ASN A 37 9.50 2.54 7.59
N ALA A 38 8.95 2.29 6.42
CA ALA A 38 7.89 1.31 6.29
C ALA A 38 8.47 -0.10 6.45
N LYS A 39 9.73 -0.27 6.08
CA LYS A 39 10.41 -1.57 6.21
C LYS A 39 10.54 -1.95 7.69
N LYS A 40 11.05 -1.02 8.50
CA LYS A 40 11.21 -1.28 9.93
C LYS A 40 9.86 -1.53 10.58
N GLU A 41 8.84 -0.79 10.16
CA GLU A 41 7.47 -1.04 10.63
C GLU A 41 7.04 -2.47 10.27
N MET A 42 7.21 -2.82 9.01
CA MET A 42 6.79 -4.12 8.48
C MET A 42 7.46 -5.28 9.24
N VAL A 43 8.76 -5.18 9.46
CA VAL A 43 9.50 -6.26 10.12
C VAL A 43 9.19 -6.30 11.60
N LYS A 44 8.63 -5.21 12.12
CA LYS A 44 8.17 -5.17 13.50
C LYS A 44 6.70 -5.58 13.59
N SER A 45 6.08 -5.79 12.43
CA SER A 45 4.69 -6.26 12.39
C SER A 45 4.67 -7.80 12.36
N LYS A 46 5.87 -8.40 12.37
CA LYS A 46 6.05 -9.85 12.42
C LYS A 46 5.64 -10.56 11.12
N LEU A 47 5.51 -9.82 10.03
CA LEU A 47 5.17 -10.43 8.75
C LEU A 47 6.43 -10.82 7.97
N PRO A 48 6.38 -11.96 7.26
CA PRO A 48 7.50 -12.43 6.43
C PRO A 48 7.79 -11.52 5.25
N ASN A 49 9.04 -11.55 4.77
CA ASN A 49 9.48 -10.68 3.67
C ASN A 49 8.60 -10.86 2.43
N THR A 50 8.25 -12.11 2.13
CA THR A 50 7.39 -12.41 0.99
C THR A 50 6.05 -11.68 1.11
N VAL A 51 5.44 -11.77 2.29
CA VAL A 51 4.16 -11.13 2.55
C VAL A 51 4.31 -9.60 2.46
N LEU A 52 5.40 -9.10 3.02
CA LEU A 52 5.68 -7.67 3.00
C LEU A 52 5.83 -7.17 1.56
N GLY A 53 6.56 -7.92 0.75
CA GLY A 53 6.71 -7.60 -0.65
C GLY A 53 5.38 -7.55 -1.38
N LYS A 54 4.44 -8.39 -0.94
CA LYS A 54 3.09 -8.41 -1.53
C LYS A 54 2.32 -7.17 -1.12
N ILE A 55 2.37 -6.87 0.17
CA ILE A 55 1.71 -5.68 0.71
C ILE A 55 2.18 -4.44 -0.04
N TRP A 56 3.50 -4.29 -0.10
CA TRP A 56 4.09 -3.15 -0.79
C TRP A 56 3.76 -3.17 -2.28
N LYS A 57 3.77 -4.36 -2.88
CA LYS A 57 3.52 -4.50 -4.31
C LYS A 57 2.13 -3.98 -4.68
N LEU A 58 1.17 -4.18 -3.78
CA LEU A 58 -0.19 -3.73 -4.00
C LEU A 58 -0.39 -2.30 -3.50
N ALA A 59 0.29 -1.95 -2.41
CA ALA A 59 0.15 -0.62 -1.81
C ALA A 59 0.82 0.45 -2.65
N ASP A 60 2.00 0.15 -3.16
CA ASP A 60 2.75 1.09 -3.97
C ASP A 60 2.36 0.93 -5.44
N VAL A 61 1.36 1.69 -5.84
CA VAL A 61 0.75 1.54 -7.16
C VAL A 61 1.53 2.25 -8.25
N ASP A 62 2.21 3.33 -7.89
CA ASP A 62 2.93 4.15 -8.86
C ASP A 62 4.33 3.63 -9.10
N LYS A 63 4.76 2.73 -8.23
CA LYS A 63 6.11 2.15 -8.28
C LYS A 63 7.17 3.23 -8.20
N ASP A 64 6.97 4.16 -7.28
CA ASP A 64 7.90 5.28 -7.11
C ASP A 64 8.93 4.95 -6.04
N GLY A 65 8.70 3.89 -5.28
CA GLY A 65 9.63 3.50 -4.24
C GLY A 65 9.34 4.18 -2.93
N LEU A 66 8.24 4.93 -2.88
CA LEU A 66 7.85 5.65 -1.69
C LEU A 66 6.40 5.34 -1.34
N LEU A 67 6.00 5.72 -0.14
CA LEU A 67 4.60 5.60 0.26
C LEU A 67 4.07 6.96 0.67
N ASP A 68 3.05 7.42 -0.03
CA ASP A 68 2.32 8.61 0.37
C ASP A 68 1.08 8.21 1.17
N ASP A 69 0.24 9.17 1.54
CA ASP A 69 -0.93 8.89 2.38
C ASP A 69 -1.85 7.85 1.72
N GLU A 70 -1.91 7.89 0.40
CA GLU A 70 -2.75 6.97 -0.35
C GLU A 70 -2.14 5.56 -0.34
N GLU A 71 -0.90 5.48 -0.83
CA GLU A 71 -0.20 4.20 -0.92
C GLU A 71 -0.06 3.55 0.46
N PHE A 72 0.15 4.35 1.48
CA PHE A 72 0.31 3.85 2.84
C PHE A 72 -1.03 3.35 3.39
N ALA A 73 -2.11 4.02 3.01
CA ALA A 73 -3.44 3.59 3.43
C ALA A 73 -3.77 2.22 2.84
N LEU A 74 -3.35 2.00 1.59
CA LEU A 74 -3.51 0.71 0.96
C LEU A 74 -2.67 -0.34 1.69
N ALA A 75 -1.46 0.06 2.08
CA ALA A 75 -0.57 -0.82 2.84
C ALA A 75 -1.24 -1.31 4.11
N ASN A 76 -1.76 -0.37 4.90
CA ASN A 76 -2.38 -0.71 6.18
C ASN A 76 -3.66 -1.49 5.99
N HIS A 77 -4.35 -1.25 4.88
CA HIS A 77 -5.56 -2.00 4.56
C HIS A 77 -5.24 -3.48 4.39
N LEU A 78 -4.17 -3.75 3.65
CA LEU A 78 -3.75 -5.12 3.36
C LEU A 78 -3.23 -5.79 4.63
N ILE A 79 -2.46 -5.05 5.41
CA ILE A 79 -1.95 -5.55 6.68
C ILE A 79 -3.12 -5.86 7.62
N LYS A 80 -4.13 -5.00 7.59
CA LYS A 80 -5.35 -5.25 8.35
C LYS A 80 -5.96 -6.59 7.98
N VAL A 81 -6.12 -6.82 6.69
CA VAL A 81 -6.61 -8.11 6.19
C VAL A 81 -5.80 -9.27 6.77
N LYS A 82 -4.49 -9.08 6.90
CA LYS A 82 -3.65 -10.10 7.51
C LYS A 82 -3.93 -10.23 9.01
N LEU A 83 -4.34 -9.13 9.63
CA LEU A 83 -4.75 -9.15 11.04
C LEU A 83 -6.09 -9.84 11.19
N GLU A 84 -6.95 -9.67 10.18
CA GLU A 84 -8.26 -10.31 10.16
C GLU A 84 -8.09 -11.82 9.97
N GLY A 85 -6.98 -12.19 9.36
CA GLY A 85 -6.68 -13.59 9.14
C GLY A 85 -7.00 -14.04 7.72
N HIS A 86 -6.79 -13.17 6.75
CA HIS A 86 -7.09 -13.50 5.37
C HIS A 86 -5.94 -13.11 4.45
N GLU A 87 -6.05 -13.48 3.19
CA GLU A 87 -5.00 -13.23 2.20
C GLU A 87 -5.46 -12.16 1.23
N LEU A 88 -4.50 -11.49 0.61
CA LEU A 88 -4.80 -10.49 -0.40
C LEU A 88 -4.77 -11.12 -1.78
N PRO A 89 -5.76 -10.80 -2.63
CA PRO A 89 -5.93 -11.47 -3.93
C PRO A 89 -4.92 -11.00 -4.99
N ALA A 90 -3.97 -10.17 -4.57
CA ALA A 90 -2.95 -9.62 -5.46
C ALA A 90 -3.55 -8.72 -6.53
N ASP A 91 -4.76 -8.25 -6.27
CA ASP A 91 -5.44 -7.33 -7.18
C ASP A 91 -5.98 -6.14 -6.41
N LEU A 92 -6.02 -4.99 -7.07
CA LEU A 92 -6.64 -3.80 -6.51
C LEU A 92 -7.94 -3.49 -7.24
N PRO A 93 -9.09 -3.70 -6.57
CA PRO A 93 -10.39 -3.35 -7.12
C PRO A 93 -10.51 -1.85 -7.40
N PRO A 94 -11.36 -1.46 -8.35
CA PRO A 94 -11.54 -0.05 -8.73
C PRO A 94 -12.11 0.81 -7.60
N HIS A 95 -12.46 0.18 -6.49
CA HIS A 95 -12.98 0.92 -5.34
C HIS A 95 -11.90 1.11 -4.28
N LEU A 96 -10.68 0.67 -4.60
CA LEU A 96 -9.55 0.87 -3.71
C LEU A 96 -8.50 1.77 -4.36
N VAL A 97 -8.69 2.06 -5.64
CA VAL A 97 -7.79 2.95 -6.36
C VAL A 97 -8.43 4.31 -6.54
N PRO A 98 -7.74 5.35 -6.07
CA PRO A 98 -8.19 6.74 -6.20
C PRO A 98 -8.14 7.21 -7.65
N PRO A 99 -8.95 8.24 -8.00
CA PRO A 99 -8.98 8.79 -9.36
C PRO A 99 -7.62 9.31 -9.81
N SER A 100 -6.77 9.59 -8.84
CA SER A 100 -5.41 10.03 -9.11
C SER A 100 -4.64 8.97 -9.89
N LYS A 101 -5.03 7.71 -9.73
CA LYS A 101 -4.37 6.61 -10.44
C LYS A 101 -5.31 5.98 -11.46
N ARG A 102 -6.40 6.68 -11.77
CA ARG A 102 -7.39 6.17 -12.71
C ARG A 102 -7.40 6.98 -14.00
N ARG A 103 -7.79 6.32 -15.09
CA ARG A 103 -7.95 6.98 -16.38
C ARG A 103 -9.41 7.39 -16.58
N HIS A 104 -9.65 8.64 -16.95
CA HIS A 104 -11.01 9.13 -17.15
C HIS A 104 -11.35 9.20 -18.64
N GLU A 105 -12.50 8.65 -18.99
CA GLU A 105 -13.04 8.79 -20.33
C GLU A 105 -14.57 8.87 -20.25
N LEU B 1 21.62 -4.10 -17.35
CA LEU B 1 22.65 -4.07 -16.31
C LEU B 1 22.04 -4.15 -14.92
N GLU B 2 21.44 -3.06 -14.46
CA GLU B 2 20.83 -3.04 -13.14
C GLU B 2 19.32 -3.21 -13.24
N SER B 3 18.78 -4.06 -12.39
CA SER B 3 17.34 -4.26 -12.32
C SER B 3 16.69 -3.07 -11.60
N LYS B 4 17.16 -2.81 -10.38
CA LYS B 4 16.66 -1.70 -9.56
C LYS B 4 15.16 -1.80 -9.30
N PRO B 5 14.76 -2.66 -8.34
CA PRO B 5 13.34 -2.84 -8.00
C PRO B 5 12.82 -1.69 -7.13
N TYR B 6 11.50 -1.67 -6.92
CA TYR B 6 10.86 -0.59 -6.18
C TYR B 6 10.14 -1.15 -4.97
N ASN B 7 10.70 -2.19 -4.41
CA ASN B 7 10.11 -2.86 -3.27
C ASN B 7 11.19 -3.22 -2.27
N PRO B 8 11.14 -2.64 -1.06
CA PRO B 8 12.15 -2.83 -0.02
C PRO B 8 12.19 -4.26 0.53
N PHE B 9 11.16 -5.03 0.24
CA PHE B 9 11.08 -6.41 0.70
C PHE B 9 11.31 -7.37 -0.44
N GLU B 10 11.51 -6.79 -1.61
CA GLU B 10 11.67 -7.54 -2.85
C GLU B 10 12.86 -6.97 -3.62
N GLU B 11 13.75 -6.32 -2.86
CA GLU B 11 14.95 -5.71 -3.43
C GLU B 11 16.04 -6.75 -3.68
N GLU B 12 15.86 -7.93 -3.11
CA GLU B 12 16.75 -9.07 -3.33
C GLU B 12 18.20 -8.74 -2.95
N GLU B 13 19.15 -9.43 -3.56
CA GLU B 13 20.56 -9.21 -3.27
C GLU B 13 21.29 -8.69 -4.51
N GLU B 14 21.42 -9.53 -5.52
CA GLU B 14 22.01 -9.15 -6.80
C GLU B 14 21.24 -9.81 -7.92
N ASP B 15 19.95 -9.52 -7.97
CA ASP B 15 19.03 -10.18 -8.88
C ASP B 15 18.39 -9.19 -9.84
CA CA C . 4.39 4.68 -4.68
N GLY A 1 -36.94 1.50 -17.96
CA GLY A 1 -36.58 0.91 -16.65
C GLY A 1 -35.99 1.94 -15.71
N PRO A 2 -35.98 1.67 -14.40
CA PRO A 2 -35.40 2.59 -13.42
C PRO A 2 -33.89 2.47 -13.35
N LEU A 3 -33.22 3.60 -13.18
CA LEU A 3 -31.76 3.62 -13.09
C LEU A 3 -31.33 4.07 -11.72
N GLY A 4 -30.19 3.56 -11.27
CA GLY A 4 -29.64 3.95 -9.98
C GLY A 4 -28.18 4.29 -10.10
N SER A 5 -27.77 5.37 -9.45
CA SER A 5 -26.38 5.80 -9.49
C SER A 5 -25.54 4.95 -8.54
N ASP A 6 -24.39 4.51 -9.02
CA ASP A 6 -23.52 3.64 -8.25
C ASP A 6 -22.76 4.43 -7.20
N ASP A 7 -22.71 3.90 -5.99
CA ASP A 7 -22.02 4.55 -4.90
C ASP A 7 -20.92 3.65 -4.38
N VAL A 8 -19.67 4.00 -4.67
CA VAL A 8 -18.53 3.20 -4.22
C VAL A 8 -17.87 3.84 -3.01
N GLU A 9 -17.86 3.11 -1.91
CA GLU A 9 -17.22 3.59 -0.70
C GLU A 9 -15.76 3.16 -0.68
N TRP A 10 -14.87 4.12 -0.51
CA TRP A 10 -13.47 3.81 -0.35
C TRP A 10 -13.25 3.27 1.05
N VAL A 11 -13.06 1.95 1.15
CA VAL A 11 -12.93 1.27 2.43
C VAL A 11 -11.82 1.89 3.27
N VAL A 12 -10.79 2.38 2.59
CA VAL A 12 -9.65 2.95 3.27
C VAL A 12 -9.93 4.37 3.76
N GLY A 13 -11.00 4.97 3.25
CA GLY A 13 -11.38 6.31 3.67
C GLY A 13 -11.80 6.34 5.12
N LYS A 14 -12.23 5.19 5.61
CA LYS A 14 -12.67 5.05 7.00
C LYS A 14 -11.48 4.73 7.88
N ASP A 15 -10.43 4.32 7.21
CA ASP A 15 -9.31 3.64 7.82
C ASP A 15 -8.12 4.59 7.96
N LYS A 16 -8.21 5.73 7.29
CA LYS A 16 -7.09 6.67 7.17
C LYS A 16 -6.53 7.17 8.51
N PRO A 17 -7.36 7.77 9.40
CA PRO A 17 -6.85 8.48 10.60
C PRO A 17 -5.83 7.69 11.40
N THR A 18 -6.04 6.39 11.49
CA THR A 18 -5.17 5.53 12.26
C THR A 18 -3.81 5.37 11.56
N TYR A 19 -3.85 5.15 10.26
CA TYR A 19 -2.64 4.90 9.49
C TYR A 19 -1.92 6.21 9.23
N ASP A 20 -2.68 7.30 9.29
CA ASP A 20 -2.12 8.63 9.12
C ASP A 20 -1.32 8.99 10.35
N GLU A 21 -1.87 8.64 11.50
CA GLU A 21 -1.18 8.81 12.77
C GLU A 21 0.18 8.13 12.71
N ILE A 22 0.16 6.86 12.32
CA ILE A 22 1.37 6.07 12.26
C ILE A 22 2.29 6.58 11.13
N PHE A 23 1.67 7.11 10.09
CA PHE A 23 2.41 7.69 8.97
C PHE A 23 3.29 8.85 9.44
N TYR A 24 2.79 9.64 10.40
CA TYR A 24 3.55 10.78 10.91
C TYR A 24 4.75 10.34 11.74
N THR A 25 4.68 9.15 12.32
CA THR A 25 5.76 8.67 13.17
C THR A 25 6.85 7.98 12.36
N LEU A 26 6.62 7.82 11.06
CA LEU A 26 7.62 7.28 10.16
C LEU A 26 8.38 8.40 9.47
N SER A 27 8.07 9.63 9.88
CA SER A 27 8.75 10.83 9.41
C SER A 27 8.52 11.06 7.91
N PRO A 28 7.41 11.74 7.57
CA PRO A 28 7.04 12.01 6.18
C PRO A 28 7.90 13.11 5.57
N VAL A 29 8.68 12.76 4.57
CA VAL A 29 9.49 13.73 3.86
C VAL A 29 8.70 14.32 2.70
N ASN A 30 8.39 15.61 2.79
CA ASN A 30 7.57 16.30 1.79
C ASN A 30 6.15 15.73 1.78
N GLY A 31 5.76 15.12 2.89
CA GLY A 31 4.44 14.53 2.99
C GLY A 31 4.41 13.12 2.43
N LYS A 32 5.57 12.49 2.31
CA LYS A 32 5.66 11.13 1.78
C LYS A 32 6.77 10.37 2.50
N ILE A 33 6.50 9.16 2.96
CA ILE A 33 7.50 8.40 3.69
C ILE A 33 8.30 7.50 2.76
N THR A 34 9.53 7.22 3.15
CA THR A 34 10.42 6.41 2.34
C THR A 34 10.19 4.93 2.62
N GLY A 35 10.64 4.09 1.68
CA GLY A 35 10.51 2.66 1.84
C GLY A 35 11.24 2.13 3.06
N ALA A 36 12.34 2.80 3.43
CA ALA A 36 13.13 2.41 4.59
C ALA A 36 12.28 2.37 5.86
N ASN A 37 11.54 3.44 6.10
CA ASN A 37 10.77 3.59 7.33
C ASN A 37 9.52 2.71 7.29
N ALA A 38 8.92 2.60 6.12
CA ALA A 38 7.75 1.74 5.96
C ALA A 38 8.17 0.28 6.07
N LYS A 39 9.41 -0.02 5.72
CA LYS A 39 9.92 -1.38 5.82
C LYS A 39 10.15 -1.78 7.27
N LYS A 40 10.84 -0.93 8.03
CA LYS A 40 11.10 -1.21 9.44
C LYS A 40 9.78 -1.35 10.21
N GLU A 41 8.80 -0.54 9.84
CA GLU A 41 7.47 -0.64 10.41
C GLU A 41 6.87 -2.02 10.11
N MET A 42 6.88 -2.38 8.82
CA MET A 42 6.23 -3.59 8.36
C MET A 42 6.95 -4.83 8.88
N VAL A 43 8.24 -4.71 9.14
CA VAL A 43 9.03 -5.80 9.65
C VAL A 43 8.77 -6.01 11.13
N LYS A 44 8.65 -4.90 11.87
CA LYS A 44 8.36 -4.95 13.29
C LYS A 44 6.90 -5.34 13.53
N SER A 45 6.12 -5.38 12.46
CA SER A 45 4.74 -5.83 12.53
C SER A 45 4.68 -7.36 12.72
N LYS A 46 5.84 -8.02 12.50
CA LYS A 46 5.98 -9.47 12.67
C LYS A 46 5.31 -10.26 11.55
N LEU A 47 5.21 -9.65 10.38
CA LEU A 47 4.75 -10.35 9.20
C LEU A 47 5.96 -10.77 8.35
N PRO A 48 5.89 -11.95 7.71
CA PRO A 48 6.98 -12.45 6.86
C PRO A 48 7.29 -11.51 5.69
N ASN A 49 8.58 -11.34 5.40
CA ASN A 49 9.05 -10.43 4.35
C ASN A 49 8.35 -10.69 3.01
N THR A 50 8.06 -11.96 2.73
CA THR A 50 7.35 -12.34 1.52
C THR A 50 6.00 -11.62 1.42
N VAL A 51 5.32 -11.53 2.56
CA VAL A 51 4.01 -10.94 2.63
C VAL A 51 4.14 -9.43 2.50
N LEU A 52 5.17 -8.90 3.13
CA LEU A 52 5.49 -7.49 3.06
C LEU A 52 5.72 -7.07 1.62
N GLY A 53 6.49 -7.88 0.90
CA GLY A 53 6.75 -7.62 -0.50
C GLY A 53 5.47 -7.60 -1.30
N LYS A 54 4.56 -8.50 -1.00
CA LYS A 54 3.29 -8.57 -1.72
C LYS A 54 2.40 -7.37 -1.37
N ILE A 55 2.35 -7.05 -0.08
CA ILE A 55 1.58 -5.90 0.39
C ILE A 55 2.06 -4.63 -0.29
N TRP A 56 3.38 -4.44 -0.32
CA TRP A 56 3.95 -3.25 -0.94
C TRP A 56 3.71 -3.26 -2.45
N LYS A 57 3.85 -4.43 -3.05
CA LYS A 57 3.73 -4.56 -4.50
C LYS A 57 2.30 -4.24 -4.97
N LEU A 58 1.34 -4.35 -4.06
CA LEU A 58 -0.04 -3.98 -4.35
C LEU A 58 -0.31 -2.54 -3.91
N ALA A 59 0.21 -2.15 -2.74
CA ALA A 59 -0.03 -0.82 -2.18
C ALA A 59 0.62 0.27 -3.02
N ASP A 60 1.83 0.01 -3.50
CA ASP A 60 2.54 0.98 -4.32
C ASP A 60 2.07 0.87 -5.77
N VAL A 61 0.86 1.38 -6.03
CA VAL A 61 0.24 1.27 -7.33
C VAL A 61 0.99 2.12 -8.37
N ASP A 62 1.52 3.24 -7.91
CA ASP A 62 2.18 4.19 -8.78
C ASP A 62 3.63 3.80 -9.05
N LYS A 63 4.15 2.88 -8.23
CA LYS A 63 5.50 2.36 -8.40
C LYS A 63 6.56 3.45 -8.30
N ASP A 64 6.77 3.94 -7.10
CA ASP A 64 7.72 5.02 -6.87
C ASP A 64 8.70 4.68 -5.75
N GLY A 65 8.39 3.64 -4.98
CA GLY A 65 9.27 3.24 -3.89
C GLY A 65 9.00 4.02 -2.62
N LEU A 66 7.97 4.86 -2.65
CA LEU A 66 7.61 5.67 -1.50
C LEU A 66 6.13 5.48 -1.19
N LEU A 67 5.73 5.81 0.02
CA LEU A 67 4.33 5.71 0.39
C LEU A 67 3.81 7.04 0.90
N ASP A 68 2.82 7.58 0.20
CA ASP A 68 2.07 8.71 0.74
C ASP A 68 0.99 8.19 1.68
N ASP A 69 0.14 9.09 2.18
CA ASP A 69 -0.87 8.70 3.17
C ASP A 69 -1.85 7.68 2.57
N GLU A 70 -2.08 7.77 1.27
CA GLU A 70 -2.96 6.83 0.58
C GLU A 70 -2.29 5.46 0.48
N GLU A 71 -1.11 5.43 -0.14
CA GLU A 71 -0.37 4.19 -0.33
C GLU A 71 -0.13 3.48 1.00
N PHE A 72 0.27 4.26 2.00
CA PHE A 72 0.60 3.72 3.32
C PHE A 72 -0.63 3.16 4.00
N ALA A 73 -1.77 3.84 3.83
CA ALA A 73 -3.01 3.37 4.40
C ALA A 73 -3.46 2.09 3.72
N LEU A 74 -3.27 2.01 2.41
CA LEU A 74 -3.55 0.79 1.67
C LEU A 74 -2.68 -0.35 2.20
N ALA A 75 -1.40 -0.05 2.44
CA ALA A 75 -0.46 -1.01 3.01
C ALA A 75 -1.00 -1.60 4.31
N ASN A 76 -1.28 -0.72 5.27
CA ASN A 76 -1.69 -1.17 6.60
C ASN A 76 -3.06 -1.84 6.55
N HIS A 77 -3.92 -1.38 5.66
CA HIS A 77 -5.23 -2.00 5.50
C HIS A 77 -5.07 -3.42 4.99
N LEU A 78 -4.21 -3.61 3.99
CA LEU A 78 -3.97 -4.94 3.42
C LEU A 78 -3.41 -5.89 4.47
N ILE A 79 -2.49 -5.39 5.30
CA ILE A 79 -1.94 -6.18 6.39
C ILE A 79 -3.04 -6.60 7.35
N LYS A 80 -3.93 -5.67 7.70
CA LYS A 80 -5.04 -5.97 8.58
C LYS A 80 -5.99 -6.97 7.93
N VAL A 81 -6.17 -6.87 6.61
CA VAL A 81 -6.94 -7.85 5.85
C VAL A 81 -6.38 -9.24 6.12
N LYS A 82 -5.05 -9.34 6.10
CA LYS A 82 -4.37 -10.59 6.37
C LYS A 82 -4.57 -11.03 7.82
N LEU A 83 -4.45 -10.08 8.74
CA LEU A 83 -4.55 -10.36 10.17
C LEU A 83 -5.97 -10.73 10.57
N GLU A 84 -6.94 -10.23 9.83
CA GLU A 84 -8.35 -10.52 10.09
C GLU A 84 -8.72 -11.92 9.61
N GLY A 85 -7.79 -12.58 8.93
CA GLY A 85 -8.06 -13.91 8.42
C GLY A 85 -8.52 -13.89 6.98
N HIS A 86 -8.26 -12.79 6.30
CA HIS A 86 -8.62 -12.68 4.90
C HIS A 86 -7.35 -12.69 4.04
N GLU A 87 -7.52 -12.67 2.73
CA GLU A 87 -6.37 -12.68 1.83
C GLU A 87 -6.61 -11.75 0.65
N LEU A 88 -5.64 -10.89 0.37
CA LEU A 88 -5.69 -10.06 -0.82
C LEU A 88 -5.37 -10.90 -2.05
N PRO A 89 -6.25 -10.88 -3.05
CA PRO A 89 -6.17 -11.77 -4.22
C PRO A 89 -5.12 -11.34 -5.25
N ALA A 90 -4.24 -10.43 -4.84
CA ALA A 90 -3.22 -9.86 -5.72
C ALA A 90 -3.87 -9.00 -6.81
N ASP A 91 -5.10 -8.61 -6.57
CA ASP A 91 -5.84 -7.73 -7.47
C ASP A 91 -6.04 -6.38 -6.82
N LEU A 92 -5.84 -5.31 -7.57
CA LEU A 92 -6.24 -3.99 -7.14
C LEU A 92 -7.56 -3.59 -7.81
N PRO A 93 -8.70 -3.91 -7.17
CA PRO A 93 -10.02 -3.54 -7.70
C PRO A 93 -10.27 -2.04 -7.58
N PRO A 94 -11.15 -1.51 -8.45
CA PRO A 94 -11.45 -0.06 -8.50
C PRO A 94 -12.09 0.48 -7.22
N HIS A 95 -12.49 -0.41 -6.31
CA HIS A 95 -13.08 0.01 -5.05
C HIS A 95 -12.02 0.13 -3.96
N LEU A 96 -10.77 -0.13 -4.34
CA LEU A 96 -9.64 0.02 -3.42
C LEU A 96 -8.67 1.08 -3.93
N VAL A 97 -8.53 1.16 -5.25
CA VAL A 97 -7.64 2.14 -5.86
C VAL A 97 -8.37 3.45 -6.14
N PRO A 98 -7.85 4.55 -5.62
CA PRO A 98 -8.33 5.90 -5.93
C PRO A 98 -8.04 6.27 -7.37
N PRO A 99 -8.85 7.16 -7.95
CA PRO A 99 -8.71 7.60 -9.35
C PRO A 99 -7.44 8.43 -9.62
N SER A 100 -6.53 8.44 -8.66
CA SER A 100 -5.28 9.17 -8.80
C SER A 100 -4.31 8.41 -9.72
N LYS A 101 -4.38 7.09 -9.66
CA LYS A 101 -3.55 6.25 -10.54
C LYS A 101 -4.42 5.39 -11.43
N ARG A 102 -5.67 5.81 -11.61
CA ARG A 102 -6.60 5.12 -12.49
C ARG A 102 -6.76 5.91 -13.78
N ARG A 103 -7.03 5.21 -14.88
CA ARG A 103 -7.18 5.87 -16.16
C ARG A 103 -8.62 6.32 -16.37
N HIS A 104 -8.81 7.25 -17.30
CA HIS A 104 -10.14 7.74 -17.63
C HIS A 104 -10.56 7.24 -19.01
N GLU A 105 -11.58 6.42 -19.04
CA GLU A 105 -12.15 5.93 -20.28
C GLU A 105 -13.34 6.80 -20.67
N LEU B 1 24.94 -7.12 -11.02
CA LEU B 1 24.27 -7.83 -12.14
C LEU B 1 22.79 -8.01 -11.80
N GLU B 2 22.34 -7.28 -10.79
CA GLU B 2 21.04 -7.52 -10.19
C GLU B 2 20.16 -6.29 -10.34
N SER B 3 18.86 -6.49 -10.29
CA SER B 3 17.90 -5.40 -10.38
C SER B 3 17.23 -5.14 -9.04
N LYS B 4 17.26 -3.89 -8.58
CA LYS B 4 16.65 -3.52 -7.32
C LYS B 4 15.39 -2.70 -7.58
N PRO B 5 14.20 -3.26 -7.29
CA PRO B 5 12.92 -2.61 -7.55
C PRO B 5 12.57 -1.53 -6.53
N TYR B 6 11.31 -1.11 -6.57
CA TYR B 6 10.81 -0.06 -5.68
C TYR B 6 10.40 -0.64 -4.35
N ASN B 7 10.49 -1.96 -4.25
CA ASN B 7 10.03 -2.68 -3.06
C ASN B 7 11.21 -2.95 -2.13
N PRO B 8 11.22 -2.32 -0.96
CA PRO B 8 12.31 -2.46 0.03
C PRO B 8 12.34 -3.84 0.68
N PHE B 9 11.30 -4.63 0.43
CA PHE B 9 11.26 -6.00 0.93
C PHE B 9 11.71 -6.95 -0.16
N GLU B 10 11.89 -6.38 -1.35
CA GLU B 10 12.24 -7.15 -2.53
C GLU B 10 13.63 -6.74 -3.01
N GLU B 11 14.46 -6.30 -2.07
CA GLU B 11 15.83 -5.89 -2.37
C GLU B 11 16.70 -7.11 -2.67
N GLU B 12 16.63 -7.58 -3.91
CA GLU B 12 17.45 -8.69 -4.41
C GLU B 12 17.00 -10.03 -3.84
N GLU B 13 17.64 -11.09 -4.33
CA GLU B 13 17.35 -12.47 -3.95
C GLU B 13 16.02 -12.98 -4.52
N GLU B 14 15.97 -14.30 -4.73
CA GLU B 14 14.80 -15.00 -5.26
C GLU B 14 14.54 -14.66 -6.72
N ASP B 15 14.84 -15.62 -7.58
CA ASP B 15 14.58 -15.50 -9.00
C ASP B 15 13.72 -16.68 -9.44
CA CA C . 4.14 4.77 -4.70
N GLY A 1 -34.04 12.87 -19.27
CA GLY A 1 -33.83 12.33 -17.92
C GLY A 1 -32.44 12.65 -17.39
N PRO A 2 -32.29 12.79 -16.07
CA PRO A 2 -31.01 13.08 -15.45
C PRO A 2 -30.10 11.85 -15.41
N LEU A 3 -28.81 12.08 -15.61
CA LEU A 3 -27.83 11.01 -15.57
C LEU A 3 -27.18 10.95 -14.19
N GLY A 4 -27.30 9.81 -13.53
CA GLY A 4 -26.73 9.64 -12.21
C GLY A 4 -25.32 9.11 -12.26
N SER A 5 -24.57 9.31 -11.19
CA SER A 5 -23.20 8.84 -11.11
C SER A 5 -23.11 7.64 -10.17
N ASP A 6 -22.25 6.69 -10.52
CA ASP A 6 -22.06 5.49 -9.71
C ASP A 6 -21.19 5.83 -8.50
N ASP A 7 -21.74 5.65 -7.31
CA ASP A 7 -21.04 6.03 -6.08
C ASP A 7 -20.16 4.89 -5.57
N VAL A 8 -18.85 5.16 -5.53
CA VAL A 8 -17.89 4.20 -5.03
C VAL A 8 -17.09 4.80 -3.89
N GLU A 9 -17.25 4.24 -2.69
CA GLU A 9 -16.51 4.70 -1.53
C GLU A 9 -15.15 4.03 -1.45
N TRP A 10 -14.12 4.81 -1.11
CA TRP A 10 -12.78 4.27 -0.92
C TRP A 10 -12.74 3.53 0.42
N VAL A 11 -12.74 2.20 0.35
CA VAL A 11 -12.86 1.35 1.53
C VAL A 11 -11.78 1.66 2.57
N VAL A 12 -10.54 1.76 2.12
CA VAL A 12 -9.43 2.05 3.03
C VAL A 12 -9.51 3.48 3.55
N GLY A 13 -10.22 4.30 2.80
CA GLY A 13 -10.41 5.68 3.21
C GLY A 13 -11.27 5.78 4.45
N LYS A 14 -11.91 4.69 4.82
CA LYS A 14 -12.72 4.63 6.02
C LYS A 14 -11.83 4.44 7.24
N ASP A 15 -10.67 3.82 7.04
CA ASP A 15 -9.73 3.54 8.12
C ASP A 15 -8.61 4.57 8.10
N LYS A 16 -8.78 5.61 7.29
CA LYS A 16 -7.74 6.59 7.00
C LYS A 16 -7.09 7.20 8.26
N PRO A 17 -7.87 7.80 9.18
CA PRO A 17 -7.32 8.51 10.35
C PRO A 17 -6.30 7.68 11.12
N THR A 18 -6.59 6.38 11.22
CA THR A 18 -5.72 5.47 11.95
C THR A 18 -4.40 5.27 11.20
N TYR A 19 -4.49 5.11 9.89
CA TYR A 19 -3.31 4.88 9.07
C TYR A 19 -2.51 6.17 8.93
N ASP A 20 -3.19 7.30 9.09
CA ASP A 20 -2.53 8.60 9.06
C ASP A 20 -1.65 8.75 10.27
N GLU A 21 -2.21 8.39 11.42
CA GLU A 21 -1.48 8.44 12.67
C GLU A 21 -0.26 7.54 12.64
N ILE A 22 -0.41 6.37 12.02
CA ILE A 22 0.71 5.45 11.86
C ILE A 22 1.75 6.03 10.88
N PHE A 23 1.26 6.63 9.80
CA PHE A 23 2.11 7.23 8.77
C PHE A 23 3.07 8.26 9.38
N TYR A 24 2.58 9.04 10.33
CA TYR A 24 3.38 10.08 10.94
C TYR A 24 4.41 9.55 11.94
N THR A 25 4.27 8.28 12.35
CA THR A 25 5.21 7.73 13.33
C THR A 25 6.57 7.45 12.69
N LEU A 26 6.59 7.38 11.35
CA LEU A 26 7.84 7.20 10.63
C LEU A 26 8.49 8.55 10.34
N SER A 27 7.75 9.62 10.61
CA SER A 27 8.18 10.99 10.31
C SER A 27 8.26 11.23 8.81
N PRO A 28 7.17 11.75 8.23
CA PRO A 28 7.08 12.00 6.78
C PRO A 28 8.08 13.02 6.28
N VAL A 29 8.73 12.70 5.17
CA VAL A 29 9.68 13.59 4.55
C VAL A 29 9.08 14.14 3.26
N ASN A 30 9.01 15.47 3.16
CA ASN A 30 8.35 16.16 2.04
C ASN A 30 6.99 15.56 1.68
N GLY A 31 6.28 15.07 2.70
CA GLY A 31 4.91 14.62 2.50
C GLY A 31 4.78 13.12 2.26
N LYS A 32 5.88 12.40 2.15
CA LYS A 32 5.83 10.95 1.98
C LYS A 32 6.87 10.27 2.85
N ILE A 33 6.80 8.95 2.94
CA ILE A 33 7.81 8.20 3.68
C ILE A 33 8.59 7.31 2.72
N THR A 34 9.80 6.96 3.10
CA THR A 34 10.67 6.17 2.24
C THR A 34 10.45 4.69 2.46
N GLY A 35 11.00 3.89 1.55
CA GLY A 35 10.90 2.46 1.69
C GLY A 35 11.55 1.95 2.96
N ALA A 36 12.51 2.71 3.48
CA ALA A 36 13.19 2.35 4.71
C ALA A 36 12.25 2.46 5.90
N ASN A 37 11.39 3.45 5.85
CA ASN A 37 10.46 3.73 6.94
C ASN A 37 9.39 2.66 7.02
N ALA A 38 8.79 2.35 5.89
CA ALA A 38 7.78 1.31 5.85
C ALA A 38 8.42 -0.07 5.97
N LYS A 39 9.73 -0.16 5.68
CA LYS A 39 10.45 -1.41 5.85
C LYS A 39 10.54 -1.75 7.33
N LYS A 40 10.99 -0.78 8.13
CA LYS A 40 11.11 -0.99 9.57
C LYS A 40 9.74 -1.22 10.20
N GLU A 41 8.73 -0.53 9.69
CA GLU A 41 7.37 -0.72 10.19
C GLU A 41 6.90 -2.15 9.92
N MET A 42 7.03 -2.56 8.66
CA MET A 42 6.53 -3.86 8.23
C MET A 42 7.25 -5.02 8.90
N VAL A 43 8.55 -4.88 9.12
CA VAL A 43 9.30 -5.95 9.78
C VAL A 43 8.99 -5.97 11.27
N LYS A 44 8.60 -4.82 11.81
CA LYS A 44 8.19 -4.72 13.20
C LYS A 44 6.71 -5.07 13.34
N SER A 45 6.07 -5.37 12.22
CA SER A 45 4.72 -5.90 12.22
C SER A 45 4.75 -7.40 12.52
N LYS A 46 5.97 -7.95 12.54
CA LYS A 46 6.20 -9.36 12.86
C LYS A 46 5.71 -10.27 11.72
N LEU A 47 5.70 -9.74 10.51
CA LEU A 47 5.28 -10.51 9.34
C LEU A 47 6.47 -10.81 8.44
N PRO A 48 6.38 -11.85 7.59
CA PRO A 48 7.50 -12.24 6.70
C PRO A 48 7.68 -11.29 5.51
N ASN A 49 8.93 -11.14 5.08
CA ASN A 49 9.28 -10.26 3.95
C ASN A 49 8.43 -10.54 2.72
N THR A 50 8.15 -11.80 2.47
CA THR A 50 7.32 -12.20 1.33
C THR A 50 5.95 -11.50 1.37
N VAL A 51 5.35 -11.47 2.56
CA VAL A 51 4.03 -10.89 2.73
C VAL A 51 4.13 -9.37 2.65
N LEU A 52 5.22 -8.86 3.19
CA LEU A 52 5.52 -7.43 3.14
C LEU A 52 5.68 -6.96 1.70
N GLY A 53 6.44 -7.74 0.93
CA GLY A 53 6.61 -7.45 -0.48
C GLY A 53 5.30 -7.40 -1.23
N LYS A 54 4.38 -8.29 -0.87
CA LYS A 54 3.07 -8.32 -1.52
C LYS A 54 2.25 -7.10 -1.10
N ILE A 55 2.30 -6.79 0.19
CA ILE A 55 1.68 -5.58 0.72
C ILE A 55 2.14 -4.36 -0.06
N TRP A 56 3.46 -4.21 -0.18
CA TRP A 56 4.06 -3.07 -0.88
C TRP A 56 3.70 -3.10 -2.36
N LYS A 57 3.77 -4.28 -2.96
CA LYS A 57 3.54 -4.43 -4.40
C LYS A 57 2.11 -4.05 -4.78
N LEU A 58 1.21 -4.16 -3.82
CA LEU A 58 -0.18 -3.73 -4.03
C LEU A 58 -0.36 -2.26 -3.66
N ALA A 59 0.41 -1.80 -2.69
CA ALA A 59 0.28 -0.43 -2.18
C ALA A 59 0.98 0.58 -3.07
N ASP A 60 2.13 0.20 -3.62
CA ASP A 60 2.93 1.11 -4.43
C ASP A 60 2.42 1.11 -5.87
N VAL A 61 1.14 1.42 -6.01
CA VAL A 61 0.46 1.42 -7.30
C VAL A 61 0.98 2.54 -8.20
N ASP A 62 1.66 3.50 -7.61
CA ASP A 62 2.21 4.61 -8.38
C ASP A 62 3.62 4.29 -8.88
N LYS A 63 4.24 3.29 -8.26
CA LYS A 63 5.60 2.83 -8.62
C LYS A 63 6.63 3.95 -8.46
N ASP A 64 6.96 4.26 -7.21
CA ASP A 64 7.95 5.30 -6.93
C ASP A 64 8.98 4.84 -5.90
N GLY A 65 8.66 3.80 -5.14
CA GLY A 65 9.56 3.33 -4.11
C GLY A 65 9.29 4.02 -2.78
N LEU A 66 8.26 4.83 -2.75
CA LEU A 66 7.88 5.56 -1.55
C LEU A 66 6.38 5.38 -1.30
N LEU A 67 5.91 5.84 -0.15
CA LEU A 67 4.51 5.74 0.17
C LEU A 67 3.95 7.10 0.57
N ASP A 68 3.00 7.60 -0.19
CA ASP A 68 2.21 8.74 0.24
C ASP A 68 1.08 8.26 1.16
N ASP A 69 0.22 9.17 1.59
CA ASP A 69 -0.80 8.80 2.59
C ASP A 69 -1.80 7.79 2.03
N GLU A 70 -2.04 7.83 0.72
CA GLU A 70 -2.94 6.88 0.06
C GLU A 70 -2.29 5.50 0.07
N GLU A 71 -1.04 5.46 -0.38
CA GLU A 71 -0.29 4.22 -0.49
C GLU A 71 -0.15 3.55 0.89
N PHE A 72 0.34 4.30 1.85
CA PHE A 72 0.60 3.77 3.18
C PHE A 72 -0.69 3.29 3.83
N ALA A 73 -1.78 4.02 3.57
CA ALA A 73 -3.08 3.63 4.10
C ALA A 73 -3.53 2.31 3.49
N LEU A 74 -3.42 2.21 2.17
CA LEU A 74 -3.84 1.01 1.47
C LEU A 74 -3.00 -0.18 1.92
N ALA A 75 -1.71 0.07 2.15
CA ALA A 75 -0.81 -0.93 2.70
C ALA A 75 -1.36 -1.44 4.03
N ASN A 76 -1.72 -0.52 4.91
CA ASN A 76 -2.19 -0.88 6.24
C ASN A 76 -3.55 -1.56 6.19
N HIS A 77 -4.37 -1.24 5.19
CA HIS A 77 -5.64 -1.93 5.02
C HIS A 77 -5.40 -3.38 4.66
N LEU A 78 -4.44 -3.62 3.79
CA LEU A 78 -4.09 -4.98 3.39
C LEU A 78 -3.52 -5.74 4.59
N ILE A 79 -2.73 -5.03 5.40
CA ILE A 79 -2.18 -5.59 6.63
C ILE A 79 -3.31 -5.93 7.60
N LYS A 80 -4.31 -5.06 7.70
CA LYS A 80 -5.50 -5.35 8.49
C LYS A 80 -6.13 -6.67 8.05
N VAL A 81 -6.34 -6.82 6.75
CA VAL A 81 -6.92 -8.03 6.19
C VAL A 81 -6.06 -9.25 6.54
N LYS A 82 -4.75 -9.06 6.47
CA LYS A 82 -3.78 -10.06 6.85
C LYS A 82 -3.93 -10.42 8.35
N LEU A 83 -4.11 -9.41 9.18
CA LEU A 83 -4.19 -9.61 10.63
C LEU A 83 -5.51 -10.27 11.03
N GLU A 84 -6.57 -9.97 10.28
CA GLU A 84 -7.87 -10.55 10.55
C GLU A 84 -7.94 -12.02 10.09
N GLY A 85 -6.82 -12.54 9.60
CA GLY A 85 -6.76 -13.95 9.24
C GLY A 85 -7.16 -14.19 7.81
N HIS A 86 -7.45 -13.12 7.09
CA HIS A 86 -7.93 -13.23 5.74
C HIS A 86 -6.76 -13.15 4.77
N GLU A 87 -7.05 -13.36 3.51
CA GLU A 87 -6.03 -13.34 2.48
C GLU A 87 -6.23 -12.16 1.55
N LEU A 88 -5.13 -11.60 1.08
CA LEU A 88 -5.19 -10.52 0.12
C LEU A 88 -5.11 -11.10 -1.28
N PRO A 89 -6.09 -10.76 -2.13
CA PRO A 89 -6.22 -11.35 -3.47
C PRO A 89 -5.18 -10.86 -4.46
N ALA A 90 -4.32 -9.94 -4.00
CA ALA A 90 -3.31 -9.30 -4.84
C ALA A 90 -3.99 -8.51 -5.96
N ASP A 91 -5.25 -8.18 -5.73
CA ASP A 91 -6.06 -7.46 -6.70
C ASP A 91 -6.43 -6.10 -6.14
N LEU A 92 -6.25 -5.06 -6.94
CA LEU A 92 -6.74 -3.75 -6.59
C LEU A 92 -8.09 -3.48 -7.26
N PRO A 93 -9.20 -3.70 -6.55
CA PRO A 93 -10.54 -3.45 -7.07
C PRO A 93 -10.85 -1.96 -7.06
N PRO A 94 -11.84 -1.52 -7.88
CA PRO A 94 -12.18 -0.10 -8.01
C PRO A 94 -12.46 0.61 -6.69
N HIS A 95 -12.87 -0.13 -5.67
CA HIS A 95 -13.14 0.46 -4.35
C HIS A 95 -11.87 0.53 -3.50
N LEU A 96 -10.73 0.23 -4.11
CA LEU A 96 -9.44 0.36 -3.46
C LEU A 96 -8.45 1.11 -4.35
N VAL A 97 -8.54 0.90 -5.65
CA VAL A 97 -7.69 1.61 -6.60
C VAL A 97 -8.36 2.91 -7.07
N PRO A 98 -7.84 4.06 -6.61
CA PRO A 98 -8.39 5.37 -6.97
C PRO A 98 -8.16 5.67 -8.46
N PRO A 99 -9.05 6.48 -9.07
CA PRO A 99 -8.96 6.82 -10.50
C PRO A 99 -7.63 7.46 -10.87
N SER A 100 -7.01 8.11 -9.90
CA SER A 100 -5.75 8.81 -10.12
C SER A 100 -4.61 7.81 -10.36
N LYS A 101 -4.82 6.55 -10.00
CA LYS A 101 -3.80 5.51 -10.20
C LYS A 101 -4.28 4.47 -11.21
N ARG A 102 -5.36 4.78 -11.93
CA ARG A 102 -5.92 3.85 -12.89
C ARG A 102 -5.40 4.15 -14.29
N ARG A 103 -4.66 3.22 -14.87
CA ARG A 103 -4.18 3.38 -16.23
C ARG A 103 -4.90 2.43 -17.17
N HIS A 104 -5.34 2.96 -18.30
CA HIS A 104 -5.93 2.16 -19.36
C HIS A 104 -4.87 1.80 -20.38
N GLU A 105 -4.58 0.51 -20.48
CA GLU A 105 -3.51 0.01 -21.34
C GLU A 105 -2.17 0.55 -20.86
N LEU B 1 14.53 -2.85 -18.73
CA LEU B 1 14.81 -3.44 -17.42
C LEU B 1 14.13 -4.79 -17.28
N GLU B 2 14.72 -5.67 -16.48
CA GLU B 2 14.15 -6.99 -16.28
C GLU B 2 13.19 -6.96 -15.09
N SER B 3 13.75 -6.92 -13.89
CA SER B 3 12.96 -6.77 -12.68
C SER B 3 13.35 -5.48 -11.96
N LYS B 4 14.21 -5.59 -10.94
CA LYS B 4 14.67 -4.44 -10.16
C LYS B 4 13.50 -3.61 -9.64
N PRO B 5 12.76 -4.12 -8.65
CA PRO B 5 11.56 -3.45 -8.14
C PRO B 5 11.88 -2.34 -7.15
N TYR B 6 10.85 -1.58 -6.79
CA TYR B 6 10.97 -0.47 -5.85
C TYR B 6 10.51 -0.94 -4.49
N ASN B 7 10.54 -2.25 -4.31
CA ASN B 7 10.01 -2.89 -3.13
C ASN B 7 11.14 -3.18 -2.15
N PRO B 8 11.06 -2.60 -0.94
CA PRO B 8 12.12 -2.71 0.08
C PRO B 8 12.20 -4.11 0.70
N PHE B 9 11.22 -4.95 0.42
CA PHE B 9 11.21 -6.31 0.94
C PHE B 9 11.53 -7.27 -0.18
N GLU B 10 11.41 -6.77 -1.40
CA GLU B 10 11.72 -7.53 -2.59
C GLU B 10 12.78 -6.76 -3.39
N GLU B 11 13.88 -6.47 -2.71
CA GLU B 11 14.99 -5.71 -3.29
C GLU B 11 15.78 -6.57 -4.26
N GLU B 12 15.56 -7.88 -4.17
CA GLU B 12 16.30 -8.88 -4.94
C GLU B 12 17.76 -8.97 -4.49
N GLU B 13 18.35 -10.14 -4.65
CA GLU B 13 19.66 -10.40 -4.06
C GLU B 13 20.79 -10.26 -5.07
N GLU B 14 20.85 -11.15 -6.03
CA GLU B 14 21.98 -11.20 -6.96
C GLU B 14 21.58 -10.76 -8.36
N ASP B 15 22.06 -9.58 -8.76
CA ASP B 15 21.90 -9.10 -10.12
C ASP B 15 22.93 -9.75 -11.02
CA CA C . 4.55 4.70 -4.33
N GLY A 1 -24.17 -0.62 -25.81
CA GLY A 1 -23.05 -1.32 -25.14
C GLY A 1 -23.28 -1.48 -23.65
N PRO A 2 -22.58 -2.42 -23.01
CA PRO A 2 -22.68 -2.63 -21.57
C PRO A 2 -21.93 -1.54 -20.79
N LEU A 3 -22.69 -0.72 -20.08
CA LEU A 3 -22.11 0.37 -19.31
C LEU A 3 -21.66 -0.10 -17.94
N GLY A 4 -20.75 0.65 -17.33
CA GLY A 4 -20.28 0.31 -16.00
C GLY A 4 -20.84 1.25 -14.95
N SER A 5 -21.33 0.69 -13.86
CA SER A 5 -21.90 1.49 -12.80
C SER A 5 -20.85 1.88 -11.76
N ASP A 6 -20.88 3.13 -11.34
CA ASP A 6 -19.95 3.60 -10.33
C ASP A 6 -20.45 3.21 -8.94
N ASP A 7 -19.98 2.06 -8.48
CA ASP A 7 -20.31 1.58 -7.13
C ASP A 7 -19.02 1.34 -6.35
N VAL A 8 -18.34 2.41 -6.03
CA VAL A 8 -17.06 2.31 -5.34
C VAL A 8 -17.05 3.10 -4.03
N GLU A 9 -16.71 2.42 -2.95
CA GLU A 9 -16.43 3.08 -1.69
C GLU A 9 -15.02 2.73 -1.24
N TRP A 10 -14.19 3.74 -0.99
CA TRP A 10 -12.83 3.51 -0.57
C TRP A 10 -12.81 3.15 0.91
N VAL A 11 -12.90 1.84 1.19
CA VAL A 11 -13.01 1.33 2.55
C VAL A 11 -11.85 1.76 3.43
N VAL A 12 -10.67 1.87 2.83
CA VAL A 12 -9.48 2.27 3.56
C VAL A 12 -9.55 3.74 3.97
N GLY A 13 -10.47 4.45 3.33
CA GLY A 13 -10.67 5.84 3.65
C GLY A 13 -11.36 6.03 4.99
N LYS A 14 -11.78 4.92 5.60
CA LYS A 14 -12.39 4.97 6.91
C LYS A 14 -11.33 4.78 7.99
N ASP A 15 -10.24 4.12 7.63
CA ASP A 15 -9.17 3.80 8.57
C ASP A 15 -8.11 4.91 8.56
N LYS A 16 -8.35 5.95 7.76
CA LYS A 16 -7.36 7.00 7.53
C LYS A 16 -6.82 7.64 8.81
N PRO A 17 -7.68 8.08 9.76
CA PRO A 17 -7.22 8.77 10.98
C PRO A 17 -6.15 8.00 11.74
N THR A 18 -6.31 6.69 11.80
CA THR A 18 -5.37 5.86 12.54
C THR A 18 -4.14 5.53 11.72
N TYR A 19 -4.30 5.42 10.41
CA TYR A 19 -3.15 5.22 9.54
C TYR A 19 -2.34 6.51 9.49
N ASP A 20 -3.00 7.61 9.80
CA ASP A 20 -2.36 8.91 9.95
C ASP A 20 -1.52 8.91 11.23
N GLU A 21 -2.11 8.35 12.29
CA GLU A 21 -1.43 8.22 13.57
C GLU A 21 -0.14 7.42 13.43
N ILE A 22 -0.15 6.44 12.52
CA ILE A 22 1.03 5.64 12.25
C ILE A 22 2.00 6.40 11.34
N PHE A 23 1.47 6.87 10.23
CA PHE A 23 2.24 7.59 9.21
C PHE A 23 3.08 8.72 9.82
N TYR A 24 2.50 9.45 10.78
CA TYR A 24 3.19 10.58 11.39
C TYR A 24 4.27 10.16 12.37
N THR A 25 4.19 8.95 12.91
CA THR A 25 5.20 8.50 13.86
C THR A 25 6.48 8.04 13.15
N LEU A 26 6.34 7.72 11.86
CA LEU A 26 7.48 7.30 11.06
C LEU A 26 8.20 8.52 10.49
N SER A 27 7.63 9.70 10.73
CA SER A 27 8.19 10.97 10.28
C SER A 27 8.14 11.09 8.76
N PRO A 28 7.05 11.68 8.23
CA PRO A 28 6.87 11.87 6.79
C PRO A 28 7.88 12.85 6.20
N VAL A 29 8.47 12.48 5.08
CA VAL A 29 9.43 13.33 4.41
C VAL A 29 8.85 13.85 3.11
N ASN A 30 8.52 15.13 3.10
CA ASN A 30 7.98 15.80 1.91
C ASN A 30 6.63 15.22 1.50
N GLY A 31 5.78 14.95 2.49
CA GLY A 31 4.42 14.55 2.23
C GLY A 31 4.22 13.05 2.17
N LYS A 32 5.29 12.29 2.30
CA LYS A 32 5.18 10.85 2.29
C LYS A 32 6.40 10.21 2.92
N ILE A 33 6.36 8.91 3.15
CA ILE A 33 7.47 8.22 3.81
C ILE A 33 8.28 7.42 2.81
N THR A 34 9.52 7.10 3.19
CA THR A 34 10.42 6.38 2.31
C THR A 34 10.29 4.88 2.50
N GLY A 35 10.93 4.13 1.61
CA GLY A 35 10.88 2.69 1.70
C GLY A 35 11.54 2.16 2.96
N ALA A 36 12.51 2.91 3.49
CA ALA A 36 13.21 2.51 4.70
C ALA A 36 12.30 2.60 5.92
N ASN A 37 11.57 3.70 6.02
CA ASN A 37 10.70 3.94 7.17
C ASN A 37 9.60 2.89 7.22
N ALA A 38 8.99 2.64 6.08
CA ALA A 38 7.91 1.67 6.01
C ALA A 38 8.48 0.25 6.06
N LYS A 39 9.75 0.07 5.67
CA LYS A 39 10.40 -1.23 5.79
C LYS A 39 10.46 -1.64 7.25
N LYS A 40 10.95 -0.75 8.10
CA LYS A 40 11.09 -1.06 9.50
C LYS A 40 9.72 -1.16 10.17
N GLU A 41 8.73 -0.44 9.63
CA GLU A 41 7.36 -0.56 10.12
C GLU A 41 6.80 -1.94 9.76
N MET A 42 7.13 -2.40 8.56
CA MET A 42 6.70 -3.71 8.09
C MET A 42 7.24 -4.81 9.00
N VAL A 43 8.51 -4.71 9.39
CA VAL A 43 9.10 -5.71 10.28
C VAL A 43 8.52 -5.59 11.69
N LYS A 44 8.04 -4.39 12.01
CA LYS A 44 7.38 -4.16 13.28
C LYS A 44 6.01 -4.83 13.31
N SER A 45 5.47 -5.11 12.13
CA SER A 45 4.20 -5.80 12.01
C SER A 45 4.38 -7.32 12.08
N LYS A 46 5.63 -7.75 12.26
CA LYS A 46 5.97 -9.17 12.43
C LYS A 46 5.61 -10.03 11.21
N LEU A 47 5.54 -9.40 10.05
CA LEU A 47 5.19 -10.12 8.83
C LEU A 47 6.44 -10.50 8.03
N PRO A 48 6.44 -11.71 7.44
CA PRO A 48 7.58 -12.21 6.64
C PRO A 48 7.81 -11.39 5.37
N ASN A 49 9.03 -11.49 4.84
CA ASN A 49 9.43 -10.73 3.66
C ASN A 49 8.50 -11.00 2.48
N THR A 50 8.16 -12.26 2.27
CA THR A 50 7.25 -12.64 1.19
C THR A 50 5.92 -11.90 1.30
N VAL A 51 5.38 -11.85 2.52
CA VAL A 51 4.11 -11.20 2.77
C VAL A 51 4.23 -9.69 2.51
N LEU A 52 5.30 -9.09 3.00
CA LEU A 52 5.55 -7.67 2.79
C LEU A 52 5.72 -7.39 1.30
N GLY A 53 6.39 -8.32 0.62
CA GLY A 53 6.58 -8.22 -0.80
C GLY A 53 5.27 -8.10 -1.54
N LYS A 54 4.27 -8.83 -1.04
CA LYS A 54 2.95 -8.83 -1.66
C LYS A 54 2.18 -7.57 -1.30
N ILE A 55 2.19 -7.23 -0.01
CA ILE A 55 1.49 -6.04 0.46
C ILE A 55 1.98 -4.78 -0.23
N TRP A 56 3.30 -4.61 -0.27
CA TRP A 56 3.91 -3.45 -0.92
C TRP A 56 3.65 -3.49 -2.43
N LYS A 57 3.71 -4.69 -2.99
CA LYS A 57 3.47 -4.91 -4.42
C LYS A 57 2.10 -4.39 -4.83
N LEU A 58 1.14 -4.48 -3.93
CA LEU A 58 -0.21 -4.00 -4.19
C LEU A 58 -0.41 -2.54 -3.77
N ALA A 59 0.11 -2.18 -2.60
CA ALA A 59 -0.16 -0.86 -2.00
C ALA A 59 0.37 0.29 -2.85
N ASP A 60 1.58 0.13 -3.38
CA ASP A 60 2.17 1.15 -4.24
C ASP A 60 1.79 0.86 -5.68
N VAL A 61 0.78 1.58 -6.17
CA VAL A 61 0.19 1.27 -7.46
C VAL A 61 0.98 1.88 -8.62
N ASP A 62 1.63 3.01 -8.35
CA ASP A 62 2.35 3.75 -9.38
C ASP A 62 3.87 3.53 -9.29
N LYS A 63 4.30 2.88 -8.22
CA LYS A 63 5.71 2.52 -8.03
C LYS A 63 6.61 3.73 -7.88
N ASP A 64 6.55 4.35 -6.71
CA ASP A 64 7.38 5.51 -6.40
C ASP A 64 8.67 5.04 -5.74
N GLY A 65 8.57 3.92 -5.04
CA GLY A 65 9.63 3.52 -4.15
C GLY A 65 9.40 4.13 -2.78
N LEU A 66 8.28 4.84 -2.68
CA LEU A 66 7.86 5.53 -1.47
C LEU A 66 6.39 5.23 -1.23
N LEU A 67 5.85 5.70 -0.12
CA LEU A 67 4.42 5.57 0.11
C LEU A 67 3.83 6.91 0.56
N ASP A 68 2.91 7.42 -0.24
CA ASP A 68 2.18 8.63 0.11
C ASP A 68 1.04 8.28 1.07
N ASP A 69 0.21 9.26 1.42
CA ASP A 69 -0.88 9.00 2.36
C ASP A 69 -1.87 7.97 1.82
N GLU A 70 -2.10 7.98 0.50
CA GLU A 70 -3.04 7.03 -0.10
C GLU A 70 -2.49 5.61 -0.04
N GLU A 71 -1.28 5.43 -0.56
CA GLU A 71 -0.68 4.11 -0.68
C GLU A 71 -0.25 3.54 0.66
N PHE A 72 0.17 4.41 1.58
CA PHE A 72 0.56 3.93 2.91
C PHE A 72 -0.67 3.46 3.66
N ALA A 73 -1.77 4.18 3.50
CA ALA A 73 -3.01 3.76 4.10
C ALA A 73 -3.44 2.42 3.54
N LEU A 74 -3.27 2.24 2.23
CA LEU A 74 -3.58 0.98 1.60
C LEU A 74 -2.66 -0.13 2.10
N ALA A 75 -1.40 0.21 2.33
CA ALA A 75 -0.45 -0.72 2.93
C ALA A 75 -0.94 -1.20 4.27
N ASN A 76 -1.29 -0.26 5.14
CA ASN A 76 -1.79 -0.59 6.47
C ASN A 76 -3.10 -1.36 6.37
N HIS A 77 -3.93 -0.99 5.40
CA HIS A 77 -5.21 -1.65 5.20
C HIS A 77 -5.01 -3.12 4.82
N LEU A 78 -4.10 -3.38 3.89
CA LEU A 78 -3.84 -4.75 3.45
C LEU A 78 -3.27 -5.58 4.60
N ILE A 79 -2.39 -4.97 5.37
CA ILE A 79 -1.85 -5.61 6.57
C ILE A 79 -2.98 -5.94 7.54
N LYS A 80 -3.89 -4.98 7.71
CA LYS A 80 -5.05 -5.19 8.56
C LYS A 80 -5.92 -6.34 8.04
N VAL A 81 -6.11 -6.41 6.73
CA VAL A 81 -6.90 -7.49 6.14
C VAL A 81 -6.30 -8.85 6.50
N LYS A 82 -4.99 -8.98 6.37
CA LYS A 82 -4.31 -10.19 6.78
C LYS A 82 -4.45 -10.45 8.28
N LEU A 83 -4.32 -9.40 9.09
CA LEU A 83 -4.48 -9.53 10.54
C LEU A 83 -5.91 -9.94 10.90
N GLU A 84 -6.85 -9.55 10.04
CA GLU A 84 -8.25 -9.92 10.19
C GLU A 84 -8.48 -11.39 9.85
N GLY A 85 -7.43 -12.08 9.43
CA GLY A 85 -7.55 -13.48 9.08
C GLY A 85 -7.88 -13.66 7.62
N HIS A 86 -7.40 -12.77 6.78
CA HIS A 86 -7.72 -12.82 5.38
C HIS A 86 -6.46 -12.70 4.52
N GLU A 87 -6.68 -12.74 3.22
CA GLU A 87 -5.60 -12.60 2.24
C GLU A 87 -5.96 -11.51 1.26
N LEU A 88 -4.96 -10.82 0.73
CA LEU A 88 -5.18 -9.83 -0.30
C LEU A 88 -5.37 -10.51 -1.65
N PRO A 89 -6.25 -9.98 -2.51
CA PRO A 89 -6.61 -10.61 -3.78
C PRO A 89 -5.47 -10.66 -4.78
N ALA A 90 -4.34 -10.03 -4.44
CA ALA A 90 -3.19 -9.92 -5.33
C ALA A 90 -3.56 -9.13 -6.59
N ASP A 91 -4.67 -8.41 -6.50
CA ASP A 91 -5.13 -7.56 -7.58
C ASP A 91 -5.55 -6.21 -7.02
N LEU A 92 -5.54 -5.20 -7.87
CA LEU A 92 -6.04 -3.89 -7.49
C LEU A 92 -7.39 -3.61 -8.17
N PRO A 93 -8.50 -3.91 -7.49
CA PRO A 93 -9.84 -3.62 -7.99
C PRO A 93 -10.20 -2.14 -7.82
N PRO A 94 -11.19 -1.66 -8.59
CA PRO A 94 -11.65 -0.26 -8.54
C PRO A 94 -11.98 0.24 -7.14
N HIS A 95 -12.37 -0.67 -6.24
CA HIS A 95 -12.75 -0.26 -4.89
C HIS A 95 -11.55 -0.22 -3.95
N LEU A 96 -10.35 -0.36 -4.50
CA LEU A 96 -9.13 -0.28 -3.70
C LEU A 96 -8.14 0.71 -4.30
N VAL A 97 -8.14 0.81 -5.62
CA VAL A 97 -7.28 1.78 -6.30
C VAL A 97 -7.65 3.20 -5.90
N PRO A 98 -6.64 4.02 -5.56
CA PRO A 98 -6.86 5.42 -5.25
C PRO A 98 -7.53 6.15 -6.40
N PRO A 99 -8.44 7.09 -6.11
CA PRO A 99 -9.18 7.82 -7.13
C PRO A 99 -8.26 8.53 -8.11
N SER A 100 -7.04 8.79 -7.68
CA SER A 100 -6.07 9.52 -8.47
C SER A 100 -5.45 8.60 -9.55
N LYS A 101 -5.58 7.29 -9.38
CA LYS A 101 -4.91 6.35 -10.28
C LYS A 101 -5.90 5.44 -11.01
N ARG A 102 -7.15 5.88 -11.15
CA ARG A 102 -8.16 5.04 -11.77
C ARG A 102 -8.59 5.59 -13.14
N ARG A 103 -9.02 4.68 -14.03
CA ARG A 103 -9.46 5.05 -15.38
C ARG A 103 -10.71 5.93 -15.37
N HIS A 104 -11.10 6.39 -16.55
CA HIS A 104 -12.39 7.03 -16.75
C HIS A 104 -13.04 6.45 -18.02
N GLU A 105 -14.28 6.00 -17.89
CA GLU A 105 -15.03 5.40 -18.99
C GLU A 105 -14.25 4.28 -19.68
N LEU B 1 13.43 -8.55 -21.90
CA LEU B 1 12.67 -8.56 -20.63
C LEU B 1 13.64 -8.34 -19.48
N GLU B 2 13.81 -7.09 -19.09
CA GLU B 2 14.85 -6.73 -18.13
C GLU B 2 14.47 -5.45 -17.40
N SER B 3 14.18 -5.56 -16.11
CA SER B 3 13.77 -4.43 -15.30
C SER B 3 13.94 -4.76 -13.82
N LYS B 4 14.04 -3.73 -12.99
CA LYS B 4 14.20 -3.91 -11.55
C LYS B 4 12.90 -3.59 -10.82
N PRO B 5 12.70 -4.18 -9.62
CA PRO B 5 11.52 -3.94 -8.80
C PRO B 5 11.66 -2.66 -7.95
N TYR B 6 10.64 -2.40 -7.12
CA TYR B 6 10.60 -1.18 -6.32
C TYR B 6 10.31 -1.51 -4.86
N ASN B 7 10.18 -2.78 -4.58
CA ASN B 7 9.82 -3.22 -3.24
C ASN B 7 11.09 -3.52 -2.44
N PRO B 8 11.26 -2.84 -1.29
CA PRO B 8 12.44 -3.02 -0.41
C PRO B 8 12.51 -4.42 0.20
N PHE B 9 11.49 -5.23 -0.02
CA PHE B 9 11.47 -6.61 0.47
C PHE B 9 11.64 -7.56 -0.71
N GLU B 10 11.68 -6.99 -1.90
CA GLU B 10 11.82 -7.75 -3.13
C GLU B 10 13.06 -7.25 -3.87
N GLU B 11 14.03 -6.77 -3.09
CA GLU B 11 15.24 -6.17 -3.64
C GLU B 11 16.04 -7.20 -4.46
N GLU B 12 16.10 -8.44 -3.96
CA GLU B 12 16.78 -9.54 -4.66
C GLU B 12 18.28 -9.31 -4.78
N GLU B 13 18.68 -8.49 -5.75
CA GLU B 13 20.09 -8.26 -6.03
C GLU B 13 20.57 -7.01 -5.30
N GLU B 14 21.35 -7.22 -4.25
CA GLU B 14 21.86 -6.13 -3.44
C GLU B 14 23.26 -5.75 -3.92
N ASP B 15 24.14 -6.74 -3.94
CA ASP B 15 25.50 -6.59 -4.43
C ASP B 15 26.15 -7.96 -4.49
CA CA C . 3.00 5.02 -5.29
N GLY A 1 -32.41 0.01 -22.29
CA GLY A 1 -31.16 -0.69 -21.92
C GLY A 1 -31.03 -0.83 -20.42
N PRO A 2 -30.16 -1.72 -19.94
CA PRO A 2 -30.01 -1.99 -18.52
C PRO A 2 -29.28 -0.85 -17.80
N LEU A 3 -29.79 -0.48 -16.64
CA LEU A 3 -29.23 0.63 -15.88
C LEU A 3 -28.05 0.17 -15.03
N GLY A 4 -26.98 0.94 -15.08
CA GLY A 4 -25.80 0.63 -14.29
C GLY A 4 -25.48 1.75 -13.34
N SER A 5 -25.02 1.41 -12.15
CA SER A 5 -24.69 2.41 -11.14
C SER A 5 -23.30 2.15 -10.55
N ASP A 6 -22.42 3.15 -10.61
CA ASP A 6 -21.13 3.08 -9.95
C ASP A 6 -21.27 3.48 -8.50
N ASP A 7 -21.47 2.49 -7.65
CA ASP A 7 -21.61 2.72 -6.21
C ASP A 7 -20.61 1.90 -5.43
N VAL A 8 -19.39 2.37 -5.40
CA VAL A 8 -18.33 1.73 -4.64
C VAL A 8 -17.69 2.72 -3.66
N GLU A 9 -17.42 2.25 -2.45
CA GLU A 9 -16.76 3.08 -1.46
C GLU A 9 -15.31 2.65 -1.29
N TRP A 10 -14.40 3.61 -1.21
CA TRP A 10 -13.02 3.32 -0.91
C TRP A 10 -12.91 3.04 0.58
N VAL A 11 -12.93 1.75 0.93
CA VAL A 11 -13.00 1.32 2.32
C VAL A 11 -11.85 1.83 3.17
N VAL A 12 -10.80 2.32 2.52
CA VAL A 12 -9.64 2.84 3.22
C VAL A 12 -9.90 4.26 3.71
N GLY A 13 -10.78 4.97 3.01
CA GLY A 13 -11.14 6.31 3.42
C GLY A 13 -12.04 6.30 4.64
N LYS A 14 -12.37 5.10 5.09
CA LYS A 14 -13.21 4.90 6.26
C LYS A 14 -12.36 4.66 7.50
N ASP A 15 -11.10 4.31 7.27
CA ASP A 15 -10.22 3.86 8.34
C ASP A 15 -8.90 4.64 8.31
N LYS A 16 -8.94 5.81 7.67
CA LYS A 16 -7.76 6.65 7.48
C LYS A 16 -7.06 7.08 8.78
N PRO A 17 -7.81 7.52 9.84
CA PRO A 17 -7.21 8.09 11.05
C PRO A 17 -6.03 7.28 11.60
N THR A 18 -6.16 5.97 11.61
CA THR A 18 -5.12 5.11 12.14
C THR A 18 -3.89 5.12 11.23
N TYR A 19 -4.13 5.10 9.93
CA TYR A 19 -3.05 5.08 8.96
C TYR A 19 -2.35 6.44 8.94
N ASP A 20 -3.09 7.45 9.37
CA ASP A 20 -2.59 8.82 9.41
C ASP A 20 -1.63 8.99 10.58
N GLU A 21 -2.04 8.48 11.74
CA GLU A 21 -1.22 8.52 12.93
C GLU A 21 0.10 7.80 12.68
N ILE A 22 0.01 6.58 12.16
CA ILE A 22 1.21 5.78 11.92
C ILE A 22 2.12 6.43 10.88
N PHE A 23 1.52 6.97 9.83
CA PHE A 23 2.27 7.59 8.74
C PHE A 23 3.13 8.75 9.27
N TYR A 24 2.53 9.62 10.08
CA TYR A 24 3.24 10.78 10.58
C TYR A 24 4.21 10.43 11.70
N THR A 25 4.00 9.29 12.36
CA THR A 25 4.93 8.86 13.39
C THR A 25 6.19 8.24 12.78
N LEU A 26 6.14 7.94 11.49
CA LEU A 26 7.28 7.35 10.80
C LEU A 26 8.15 8.44 10.17
N SER A 27 7.76 9.69 10.40
CA SER A 27 8.51 10.85 9.91
C SER A 27 8.47 10.94 8.38
N PRO A 28 7.46 11.64 7.83
CA PRO A 28 7.29 11.80 6.39
C PRO A 28 8.22 12.85 5.81
N VAL A 29 8.80 12.55 4.66
CA VAL A 29 9.70 13.48 3.99
C VAL A 29 9.05 14.03 2.74
N ASN A 30 8.80 15.35 2.75
CA ASN A 30 8.12 16.05 1.64
C ASN A 30 6.94 15.27 1.06
N GLY A 31 6.04 14.84 1.95
CA GLY A 31 4.78 14.26 1.53
C GLY A 31 4.78 12.75 1.41
N LYS A 32 5.93 12.11 1.61
CA LYS A 32 6.00 10.66 1.57
C LYS A 32 7.05 10.13 2.53
N ILE A 33 6.83 8.95 3.06
CA ILE A 33 7.81 8.31 3.93
C ILE A 33 8.74 7.45 3.11
N THR A 34 10.00 7.35 3.55
CA THR A 34 10.98 6.55 2.84
C THR A 34 10.77 5.07 3.13
N GLY A 35 11.22 4.23 2.22
CA GLY A 35 11.08 2.78 2.38
C GLY A 35 11.79 2.24 3.61
N ALA A 36 12.70 3.03 4.18
CA ALA A 36 13.42 2.64 5.37
C ALA A 36 12.48 2.45 6.55
N ASN A 37 11.74 3.51 6.87
CA ASN A 37 10.89 3.53 8.05
C ASN A 37 9.73 2.55 7.88
N ALA A 38 9.22 2.46 6.67
CA ALA A 38 8.13 1.56 6.37
C ALA A 38 8.61 0.11 6.43
N LYS A 39 9.88 -0.13 6.05
CA LYS A 39 10.45 -1.47 6.12
C LYS A 39 10.51 -1.94 7.56
N LYS A 40 10.91 -1.03 8.44
CA LYS A 40 11.03 -1.31 9.85
C LYS A 40 9.66 -1.56 10.48
N GLU A 41 8.67 -0.80 10.06
CA GLU A 41 7.30 -0.98 10.54
C GLU A 41 6.79 -2.37 10.15
N MET A 42 7.03 -2.75 8.90
CA MET A 42 6.61 -4.03 8.37
C MET A 42 7.20 -5.18 9.19
N VAL A 43 8.50 -5.12 9.46
CA VAL A 43 9.14 -6.18 10.23
C VAL A 43 8.75 -6.11 11.71
N LYS A 44 8.30 -4.94 12.15
CA LYS A 44 7.80 -4.77 13.51
C LYS A 44 6.47 -5.49 13.68
N SER A 45 5.75 -5.67 12.58
CA SER A 45 4.47 -6.37 12.60
C SER A 45 4.68 -7.89 12.57
N LYS A 46 5.95 -8.31 12.49
CA LYS A 46 6.34 -9.72 12.51
C LYS A 46 5.94 -10.47 11.23
N LEU A 47 5.60 -9.73 10.18
CA LEU A 47 5.23 -10.39 8.92
C LEU A 47 6.47 -10.73 8.09
N PRO A 48 6.45 -11.87 7.39
CA PRO A 48 7.55 -12.30 6.52
C PRO A 48 7.82 -11.33 5.36
N ASN A 49 9.07 -11.30 4.90
CA ASN A 49 9.48 -10.37 3.83
C ASN A 49 8.65 -10.59 2.57
N THR A 50 8.35 -11.84 2.27
CA THR A 50 7.51 -12.19 1.12
C THR A 50 6.15 -11.50 1.19
N VAL A 51 5.61 -11.40 2.40
CA VAL A 51 4.29 -10.83 2.61
C VAL A 51 4.38 -9.33 2.51
N LEU A 52 5.48 -8.79 3.03
CA LEU A 52 5.78 -7.37 2.95
C LEU A 52 5.90 -6.92 1.50
N GLY A 53 6.62 -7.72 0.71
CA GLY A 53 6.75 -7.44 -0.71
C GLY A 53 5.41 -7.45 -1.41
N LYS A 54 4.56 -8.37 -0.98
CA LYS A 54 3.22 -8.50 -1.54
C LYS A 54 2.35 -7.28 -1.18
N ILE A 55 2.38 -6.93 0.10
CA ILE A 55 1.65 -5.76 0.60
C ILE A 55 2.10 -4.51 -0.15
N TRP A 56 3.39 -4.32 -0.24
CA TRP A 56 3.96 -3.16 -0.92
C TRP A 56 3.56 -3.12 -2.40
N LYS A 57 3.79 -4.24 -3.08
CA LYS A 57 3.56 -4.32 -4.53
C LYS A 57 2.08 -4.06 -4.89
N LEU A 58 1.19 -4.35 -3.96
CA LEU A 58 -0.23 -4.07 -4.14
C LEU A 58 -0.57 -2.63 -3.71
N ALA A 59 -0.12 -2.25 -2.52
CA ALA A 59 -0.46 -0.94 -1.96
C ALA A 59 0.17 0.21 -2.75
N ASP A 60 1.39 -0.02 -3.23
CA ASP A 60 2.06 0.97 -4.06
C ASP A 60 1.51 0.88 -5.47
N VAL A 61 0.39 1.56 -5.68
CA VAL A 61 -0.36 1.49 -6.93
C VAL A 61 0.31 2.35 -8.00
N ASP A 62 1.03 3.37 -7.57
CA ASP A 62 1.64 4.33 -8.49
C ASP A 62 3.05 3.91 -8.89
N LYS A 63 3.62 2.96 -8.12
CA LYS A 63 4.97 2.46 -8.39
C LYS A 63 5.99 3.60 -8.45
N ASP A 64 6.28 4.16 -7.29
CA ASP A 64 7.13 5.35 -7.23
C ASP A 64 8.41 5.08 -6.46
N GLY A 65 8.34 4.22 -5.45
CA GLY A 65 9.53 3.89 -4.68
C GLY A 65 9.44 4.39 -3.25
N LEU A 66 8.61 5.40 -3.03
CA LEU A 66 8.33 5.90 -1.70
C LEU A 66 6.98 5.37 -1.25
N LEU A 67 6.51 5.87 -0.13
CA LEU A 67 5.20 5.45 0.36
C LEU A 67 4.38 6.69 0.77
N ASP A 68 3.32 6.95 0.01
CA ASP A 68 2.46 8.14 0.22
C ASP A 68 1.35 7.83 1.22
N ASP A 69 0.45 8.79 1.47
CA ASP A 69 -0.57 8.64 2.50
C ASP A 69 -1.71 7.72 2.07
N GLU A 70 -2.08 7.79 0.80
CA GLU A 70 -3.11 6.90 0.25
C GLU A 70 -2.54 5.49 0.21
N GLU A 71 -1.30 5.48 -0.20
CA GLU A 71 -0.51 4.28 -0.39
C GLU A 71 -0.26 3.58 0.95
N PHE A 72 0.03 4.38 1.97
CA PHE A 72 0.34 3.85 3.30
C PHE A 72 -0.92 3.32 3.95
N ALA A 73 -2.02 4.01 3.66
CA ALA A 73 -3.30 3.61 4.18
C ALA A 73 -3.73 2.27 3.57
N LEU A 74 -3.45 2.10 2.30
CA LEU A 74 -3.72 0.83 1.64
C LEU A 74 -2.77 -0.24 2.13
N ALA A 75 -1.54 0.15 2.41
CA ALA A 75 -0.56 -0.75 3.00
C ALA A 75 -1.09 -1.33 4.31
N ASN A 76 -1.46 -0.45 5.23
CA ASN A 76 -1.93 -0.90 6.54
C ASN A 76 -3.29 -1.56 6.44
N HIS A 77 -4.05 -1.20 5.42
CA HIS A 77 -5.35 -1.78 5.22
C HIS A 77 -5.21 -3.24 4.80
N LEU A 78 -4.29 -3.50 3.87
CA LEU A 78 -4.01 -4.87 3.43
C LEU A 78 -3.50 -5.70 4.59
N ILE A 79 -2.62 -5.10 5.39
CA ILE A 79 -2.11 -5.72 6.60
C ILE A 79 -3.27 -6.04 7.56
N LYS A 80 -4.19 -5.09 7.72
CA LYS A 80 -5.36 -5.28 8.57
C LYS A 80 -6.20 -6.46 8.11
N VAL A 81 -6.46 -6.54 6.80
CA VAL A 81 -7.24 -7.64 6.24
C VAL A 81 -6.54 -8.97 6.51
N LYS A 82 -5.22 -8.99 6.32
CA LYS A 82 -4.41 -10.12 6.68
C LYS A 82 -4.58 -10.49 8.14
N LEU A 83 -4.58 -9.48 9.02
CA LEU A 83 -4.73 -9.69 10.45
C LEU A 83 -6.16 -10.06 10.81
N GLU A 84 -7.09 -9.80 9.90
CA GLU A 84 -8.48 -10.23 10.07
C GLU A 84 -8.63 -11.72 9.76
N GLY A 85 -7.52 -12.35 9.40
CA GLY A 85 -7.54 -13.76 9.08
C GLY A 85 -7.84 -13.99 7.62
N HIS A 86 -8.05 -12.89 6.91
CA HIS A 86 -8.45 -12.97 5.54
C HIS A 86 -7.26 -12.81 4.60
N GLU A 87 -7.54 -12.84 3.32
CA GLU A 87 -6.50 -12.79 2.31
C GLU A 87 -6.80 -11.67 1.33
N LEU A 88 -5.74 -11.02 0.86
CA LEU A 88 -5.88 -10.02 -0.18
C LEU A 88 -6.05 -10.71 -1.55
N PRO A 89 -6.94 -10.20 -2.41
CA PRO A 89 -7.34 -10.90 -3.65
C PRO A 89 -6.23 -10.92 -4.71
N ALA A 90 -5.10 -10.26 -4.42
CA ALA A 90 -3.99 -10.16 -5.36
C ALA A 90 -4.41 -9.39 -6.61
N ASP A 91 -5.46 -8.60 -6.46
CA ASP A 91 -5.98 -7.77 -7.53
C ASP A 91 -6.12 -6.34 -7.03
N LEU A 92 -5.82 -5.38 -7.88
CA LEU A 92 -6.12 -3.98 -7.59
C LEU A 92 -7.43 -3.57 -8.26
N PRO A 93 -8.55 -3.68 -7.52
CA PRO A 93 -9.88 -3.34 -8.00
C PRO A 93 -10.28 -1.91 -7.64
N PRO A 94 -11.34 -1.39 -8.27
CA PRO A 94 -11.84 -0.02 -8.02
C PRO A 94 -12.10 0.29 -6.54
N HIS A 95 -12.36 -0.73 -5.74
CA HIS A 95 -12.64 -0.51 -4.32
C HIS A 95 -11.36 -0.46 -3.49
N LEU A 96 -10.21 -0.52 -4.17
CA LEU A 96 -8.92 -0.44 -3.50
C LEU A 96 -8.02 0.61 -4.13
N VAL A 97 -8.10 0.76 -5.44
CA VAL A 97 -7.30 1.76 -6.14
C VAL A 97 -7.86 3.17 -5.93
N PRO A 98 -7.05 4.08 -5.37
CA PRO A 98 -7.44 5.47 -5.15
C PRO A 98 -7.73 6.18 -6.46
N PRO A 99 -8.77 7.04 -6.48
CA PRO A 99 -9.19 7.78 -7.68
C PRO A 99 -8.07 8.67 -8.23
N SER A 100 -7.09 8.97 -7.39
CA SER A 100 -5.98 9.83 -7.77
C SER A 100 -5.08 9.15 -8.81
N LYS A 101 -5.14 7.82 -8.87
CA LYS A 101 -4.34 7.09 -9.85
C LYS A 101 -5.17 6.70 -11.06
N ARG A 102 -6.47 6.96 -10.99
CA ARG A 102 -7.39 6.59 -12.07
C ARG A 102 -7.30 7.56 -13.23
N ARG A 103 -7.20 7.02 -14.44
CA ARG A 103 -7.08 7.83 -15.64
C ARG A 103 -8.27 7.59 -16.56
N HIS A 104 -8.86 8.68 -17.05
CA HIS A 104 -10.07 8.59 -17.86
C HIS A 104 -9.74 8.80 -19.34
N GLU A 105 -10.40 8.05 -20.21
CA GLU A 105 -10.23 8.24 -21.64
C GLU A 105 -11.38 9.08 -22.19
N LEU B 1 19.55 -7.49 -1.55
CA LEU B 1 21.01 -7.54 -1.34
C LEU B 1 21.58 -6.14 -1.10
N GLU B 2 21.83 -5.41 -2.18
CA GLU B 2 22.33 -4.04 -2.08
C GLU B 2 21.60 -3.14 -3.07
N SER B 3 20.82 -3.75 -3.94
CA SER B 3 20.08 -3.06 -4.98
C SER B 3 18.62 -2.92 -4.59
N LYS B 4 17.93 -1.95 -5.15
CA LYS B 4 16.52 -1.77 -4.87
C LYS B 4 15.79 -1.25 -6.11
N PRO B 5 14.69 -1.90 -6.50
CA PRO B 5 13.86 -1.46 -7.61
C PRO B 5 12.85 -0.41 -7.15
N TYR B 6 11.77 -0.88 -6.54
CA TYR B 6 10.77 -0.01 -5.94
C TYR B 6 10.33 -0.60 -4.61
N ASN B 7 10.26 -1.93 -4.59
CA ASN B 7 9.89 -2.67 -3.39
C ASN B 7 11.14 -2.95 -2.56
N PRO B 8 11.21 -2.38 -1.35
CA PRO B 8 12.38 -2.52 -0.47
C PRO B 8 12.49 -3.91 0.15
N PHE B 9 11.48 -4.74 -0.08
CA PHE B 9 11.47 -6.10 0.44
C PHE B 9 11.73 -7.08 -0.69
N GLU B 10 11.92 -6.52 -1.87
CA GLU B 10 12.07 -7.31 -3.08
C GLU B 10 13.44 -7.06 -3.68
N GLU B 11 14.42 -6.87 -2.79
CA GLU B 11 15.78 -6.55 -3.19
C GLU B 11 16.57 -7.80 -3.55
N GLU B 12 15.97 -8.97 -3.33
CA GLU B 12 16.51 -10.26 -3.74
C GLU B 12 17.78 -10.65 -2.97
N GLU B 13 17.97 -11.96 -2.81
CA GLU B 13 19.13 -12.50 -2.12
C GLU B 13 20.01 -13.27 -3.09
N GLU B 14 20.92 -14.08 -2.55
CA GLU B 14 21.80 -14.90 -3.37
C GLU B 14 21.07 -16.11 -3.92
N ASP B 15 21.40 -16.47 -5.15
CA ASP B 15 20.88 -17.66 -5.79
C ASP B 15 21.98 -18.72 -5.83
CA CA C . 3.75 4.57 -4.52
N GLY A 1 -33.12 14.40 -16.76
CA GLY A 1 -32.37 13.35 -17.47
C GLY A 1 -31.53 12.51 -16.52
N PRO A 2 -31.51 11.18 -16.70
CA PRO A 2 -30.72 10.29 -15.85
C PRO A 2 -29.23 10.39 -16.12
N LEU A 3 -28.51 10.97 -15.18
CA LEU A 3 -27.06 11.11 -15.32
C LEU A 3 -26.35 10.06 -14.47
N GLY A 4 -25.57 9.21 -15.12
CA GLY A 4 -24.86 8.17 -14.40
C GLY A 4 -23.47 8.60 -14.01
N SER A 5 -23.09 8.26 -12.79
CA SER A 5 -21.78 8.60 -12.28
C SER A 5 -21.10 7.39 -11.64
N ASP A 6 -19.83 7.18 -11.97
CA ASP A 6 -19.06 6.11 -11.37
C ASP A 6 -18.45 6.61 -10.07
N ASP A 7 -19.16 6.37 -8.97
CA ASP A 7 -18.71 6.81 -7.66
C ASP A 7 -18.25 5.63 -6.83
N VAL A 8 -17.06 5.77 -6.27
CA VAL A 8 -16.50 4.74 -5.41
C VAL A 8 -16.18 5.31 -4.05
N GLU A 9 -16.77 4.74 -3.01
CA GLU A 9 -16.45 5.13 -1.66
C GLU A 9 -15.16 4.45 -1.22
N TRP A 10 -14.17 5.25 -0.88
CA TRP A 10 -12.88 4.73 -0.48
C TRP A 10 -12.95 4.28 0.97
N VAL A 11 -13.13 2.98 1.16
CA VAL A 11 -13.34 2.42 2.50
C VAL A 11 -12.22 2.76 3.47
N VAL A 12 -11.00 2.89 2.96
CA VAL A 12 -9.87 3.21 3.83
C VAL A 12 -9.88 4.69 4.20
N GLY A 13 -10.80 5.44 3.59
CA GLY A 13 -10.99 6.83 3.96
C GLY A 13 -11.68 6.93 5.30
N LYS A 14 -12.34 5.85 5.68
CA LYS A 14 -13.04 5.77 6.95
C LYS A 14 -12.07 5.37 8.05
N ASP A 15 -10.87 4.97 7.65
CA ASP A 15 -9.82 4.55 8.58
C ASP A 15 -8.58 5.45 8.44
N LYS A 16 -8.72 6.54 7.68
CA LYS A 16 -7.60 7.43 7.38
C LYS A 16 -6.87 7.93 8.64
N PRO A 17 -7.59 8.45 9.67
CA PRO A 17 -6.96 8.94 10.91
C PRO A 17 -6.03 7.90 11.54
N THR A 18 -6.43 6.64 11.48
CA THR A 18 -5.63 5.56 12.04
C THR A 18 -4.38 5.33 11.20
N TYR A 19 -4.56 5.36 9.89
CA TYR A 19 -3.46 5.14 8.96
C TYR A 19 -2.51 6.35 8.99
N ASP A 20 -3.05 7.48 9.43
CA ASP A 20 -2.25 8.69 9.60
C ASP A 20 -1.37 8.57 10.83
N GLU A 21 -1.95 8.06 11.90
CA GLU A 21 -1.23 7.85 13.15
C GLU A 21 -0.04 6.92 12.94
N ILE A 22 -0.19 5.96 12.03
CA ILE A 22 0.91 5.05 11.72
C ILE A 22 1.84 5.67 10.66
N PHE A 23 1.31 6.62 9.90
CA PHE A 23 2.05 7.23 8.79
C PHE A 23 3.07 8.26 9.28
N TYR A 24 2.60 9.25 10.05
CA TYR A 24 3.47 10.36 10.43
C TYR A 24 4.54 9.93 11.42
N THR A 25 4.33 8.78 12.06
CA THR A 25 5.30 8.23 13.01
C THR A 25 6.54 7.73 12.29
N LEU A 26 6.46 7.62 10.98
CA LEU A 26 7.57 7.17 10.16
C LEU A 26 8.27 8.35 9.52
N SER A 27 7.96 9.55 10.02
CA SER A 27 8.57 10.80 9.55
C SER A 27 8.19 11.09 8.10
N PRO A 28 7.07 11.78 7.91
CA PRO A 28 6.60 12.16 6.58
C PRO A 28 7.42 13.30 5.98
N VAL A 29 8.37 12.95 5.12
CA VAL A 29 9.23 13.93 4.48
C VAL A 29 8.60 14.39 3.17
N ASN A 30 8.29 15.69 3.11
CA ASN A 30 7.63 16.28 1.94
C ASN A 30 6.27 15.63 1.68
N GLY A 31 5.71 15.04 2.73
CA GLY A 31 4.40 14.42 2.60
C GLY A 31 4.45 12.99 2.08
N LYS A 32 5.63 12.39 2.08
CA LYS A 32 5.76 11.01 1.62
C LYS A 32 6.87 10.32 2.41
N ILE A 33 6.56 9.18 3.01
CA ILE A 33 7.55 8.47 3.83
C ILE A 33 8.45 7.61 2.96
N THR A 34 9.70 7.49 3.36
CA THR A 34 10.67 6.74 2.60
C THR A 34 10.55 5.24 2.84
N GLY A 35 11.08 4.46 1.93
CA GLY A 35 10.98 3.01 2.02
C GLY A 35 11.71 2.45 3.22
N ALA A 36 12.68 3.21 3.73
CA ALA A 36 13.42 2.78 4.91
C ALA A 36 12.51 2.66 6.13
N ASN A 37 11.71 3.69 6.36
CA ASN A 37 10.86 3.75 7.54
C ASN A 37 9.67 2.80 7.40
N ALA A 38 9.13 2.68 6.20
CA ALA A 38 8.05 1.74 5.97
C ALA A 38 8.59 0.31 6.07
N LYS A 39 9.86 0.12 5.71
CA LYS A 39 10.49 -1.18 5.84
C LYS A 39 10.56 -1.60 7.31
N LYS A 40 11.03 -0.71 8.18
CA LYS A 40 11.14 -1.04 9.61
C LYS A 40 9.76 -1.27 10.22
N GLU A 41 8.75 -0.58 9.72
CA GLU A 41 7.41 -0.73 10.25
C GLU A 41 6.87 -2.11 9.93
N MET A 42 7.08 -2.53 8.68
CA MET A 42 6.59 -3.82 8.21
C MET A 42 7.28 -4.98 8.93
N VAL A 43 8.60 -4.91 9.05
CA VAL A 43 9.34 -6.00 9.66
C VAL A 43 9.11 -6.07 11.17
N LYS A 44 8.84 -4.93 11.80
CA LYS A 44 8.54 -4.92 13.23
C LYS A 44 7.10 -5.31 13.49
N SER A 45 6.31 -5.37 12.42
CA SER A 45 4.95 -5.90 12.49
C SER A 45 5.03 -7.43 12.61
N LYS A 46 6.24 -7.96 12.37
CA LYS A 46 6.54 -9.39 12.52
C LYS A 46 5.79 -10.24 11.50
N LEU A 47 5.62 -9.70 10.30
CA LEU A 47 5.09 -10.48 9.20
C LEU A 47 6.24 -10.92 8.30
N PRO A 48 6.16 -12.12 7.71
CA PRO A 48 7.21 -12.65 6.85
C PRO A 48 7.53 -11.71 5.69
N ASN A 49 8.81 -11.63 5.34
CA ASN A 49 9.29 -10.73 4.28
C ASN A 49 8.56 -10.99 2.97
N THR A 50 8.22 -12.25 2.73
CA THR A 50 7.46 -12.62 1.54
C THR A 50 6.11 -11.90 1.53
N VAL A 51 5.40 -11.97 2.66
CA VAL A 51 4.10 -11.32 2.80
C VAL A 51 4.24 -9.80 2.65
N LEU A 52 5.28 -9.26 3.28
CA LEU A 52 5.57 -7.83 3.20
C LEU A 52 5.80 -7.40 1.75
N GLY A 53 6.56 -8.21 1.02
CA GLY A 53 6.81 -7.94 -0.37
C GLY A 53 5.53 -7.90 -1.19
N LYS A 54 4.57 -8.74 -0.82
CA LYS A 54 3.29 -8.80 -1.51
C LYS A 54 2.46 -7.56 -1.17
N ILE A 55 2.42 -7.22 0.12
CA ILE A 55 1.70 -6.04 0.59
C ILE A 55 2.19 -4.79 -0.14
N TRP A 56 3.51 -4.62 -0.18
CA TRP A 56 4.10 -3.44 -0.80
C TRP A 56 3.87 -3.46 -2.31
N LYS A 57 4.00 -4.64 -2.90
CA LYS A 57 3.78 -4.83 -4.34
C LYS A 57 2.40 -4.34 -4.74
N LEU A 58 1.46 -4.43 -3.81
CA LEU A 58 0.09 -3.98 -4.03
C LEU A 58 -0.11 -2.52 -3.61
N ALA A 59 0.44 -2.15 -2.47
CA ALA A 59 0.20 -0.85 -1.86
C ALA A 59 0.71 0.29 -2.73
N ASP A 60 1.88 0.09 -3.32
CA ASP A 60 2.47 1.11 -4.18
C ASP A 60 2.03 0.85 -5.62
N VAL A 61 0.96 1.52 -6.01
CA VAL A 61 0.33 1.27 -7.30
C VAL A 61 1.13 1.88 -8.44
N ASP A 62 1.50 3.14 -8.26
CA ASP A 62 2.16 3.91 -9.31
C ASP A 62 3.68 3.65 -9.33
N LYS A 63 4.18 2.97 -8.31
CA LYS A 63 5.58 2.49 -8.26
C LYS A 63 6.58 3.63 -8.02
N ASP A 64 6.66 4.09 -6.78
CA ASP A 64 7.60 5.14 -6.39
C ASP A 64 8.77 4.55 -5.63
N GLY A 65 8.46 3.65 -4.70
CA GLY A 65 9.44 3.23 -3.73
C GLY A 65 9.25 3.97 -2.42
N LEU A 66 8.22 4.82 -2.40
CA LEU A 66 7.86 5.60 -1.23
C LEU A 66 6.36 5.46 -1.00
N LEU A 67 5.88 5.83 0.17
CA LEU A 67 4.45 5.75 0.44
C LEU A 67 3.89 7.09 0.90
N ASP A 68 2.90 7.58 0.18
CA ASP A 68 2.10 8.70 0.63
C ASP A 68 0.95 8.17 1.48
N ASP A 69 0.06 9.04 1.93
CA ASP A 69 -1.01 8.62 2.84
C ASP A 69 -2.03 7.74 2.12
N GLU A 70 -2.11 7.86 0.80
CA GLU A 70 -3.00 7.00 0.01
C GLU A 70 -2.44 5.59 -0.04
N GLU A 71 -1.21 5.48 -0.52
CA GLU A 71 -0.57 4.19 -0.70
C GLU A 71 -0.27 3.52 0.63
N PHE A 72 0.00 4.32 1.65
CA PHE A 72 0.22 3.80 2.99
C PHE A 72 -1.10 3.32 3.57
N ALA A 73 -2.19 3.95 3.16
CA ALA A 73 -3.52 3.49 3.56
C ALA A 73 -3.81 2.13 2.95
N LEU A 74 -3.39 1.94 1.71
CA LEU A 74 -3.46 0.63 1.08
C LEU A 74 -2.60 -0.38 1.84
N ALA A 75 -1.41 0.06 2.23
CA ALA A 75 -0.50 -0.78 3.01
C ALA A 75 -1.18 -1.27 4.29
N ASN A 76 -1.69 -0.33 5.07
CA ASN A 76 -2.34 -0.65 6.33
C ASN A 76 -3.58 -1.51 6.11
N HIS A 77 -4.35 -1.17 5.09
CA HIS A 77 -5.57 -1.92 4.81
C HIS A 77 -5.26 -3.38 4.48
N LEU A 78 -4.26 -3.60 3.62
CA LEU A 78 -3.90 -4.96 3.21
C LEU A 78 -3.33 -5.77 4.37
N ILE A 79 -2.51 -5.12 5.19
CA ILE A 79 -1.97 -5.75 6.39
C ILE A 79 -3.11 -6.12 7.33
N LYS A 80 -4.08 -5.21 7.47
CA LYS A 80 -5.28 -5.49 8.25
C LYS A 80 -5.98 -6.73 7.73
N VAL A 81 -6.12 -6.85 6.41
CA VAL A 81 -6.79 -8.00 5.80
C VAL A 81 -6.08 -9.30 6.19
N LYS A 82 -4.75 -9.29 6.12
CA LYS A 82 -3.95 -10.44 6.51
C LYS A 82 -4.08 -10.73 8.01
N LEU A 83 -4.11 -9.68 8.83
CA LEU A 83 -4.25 -9.83 10.27
C LEU A 83 -5.66 -10.30 10.63
N GLU A 84 -6.62 -9.97 9.78
CA GLU A 84 -8.00 -10.42 9.94
C GLU A 84 -8.10 -11.92 9.67
N GLY A 85 -7.10 -12.47 8.99
CA GLY A 85 -7.12 -13.87 8.66
C GLY A 85 -7.42 -14.10 7.20
N HIS A 86 -7.89 -13.07 6.53
CA HIS A 86 -8.31 -13.18 5.14
C HIS A 86 -7.11 -13.01 4.22
N GLU A 87 -7.31 -13.23 2.94
CA GLU A 87 -6.23 -13.18 1.97
C GLU A 87 -6.51 -12.14 0.89
N LEU A 88 -5.52 -11.33 0.58
CA LEU A 88 -5.62 -10.36 -0.49
C LEU A 88 -5.53 -11.05 -1.84
N PRO A 89 -6.34 -10.64 -2.82
CA PRO A 89 -6.45 -11.31 -4.11
C PRO A 89 -5.28 -11.03 -5.04
N ALA A 90 -4.31 -10.23 -4.57
CA ALA A 90 -3.19 -9.78 -5.39
C ALA A 90 -3.69 -8.94 -6.56
N ASP A 91 -4.90 -8.42 -6.41
CA ASP A 91 -5.54 -7.61 -7.42
C ASP A 91 -6.08 -6.34 -6.78
N LEU A 92 -5.79 -5.21 -7.40
CA LEU A 92 -6.29 -3.93 -6.92
C LEU A 92 -7.61 -3.58 -7.61
N PRO A 93 -8.73 -3.76 -6.91
CA PRO A 93 -10.06 -3.50 -7.46
C PRO A 93 -10.42 -2.01 -7.41
N PRO A 94 -11.38 -1.59 -8.26
CA PRO A 94 -11.79 -0.18 -8.33
C PRO A 94 -12.27 0.39 -6.99
N HIS A 95 -12.65 -0.49 -6.06
CA HIS A 95 -13.12 -0.04 -4.76
C HIS A 95 -11.98 0.05 -3.75
N LEU A 96 -10.75 -0.03 -4.24
CA LEU A 96 -9.58 0.18 -3.40
C LEU A 96 -8.63 1.20 -4.01
N VAL A 97 -8.75 1.40 -5.32
CA VAL A 97 -7.93 2.38 -6.02
C VAL A 97 -8.72 3.67 -6.27
N PRO A 98 -8.14 4.81 -5.88
CA PRO A 98 -8.75 6.12 -6.13
C PRO A 98 -8.90 6.40 -7.62
N PRO A 99 -9.87 7.24 -8.01
CA PRO A 99 -10.15 7.54 -9.41
C PRO A 99 -8.91 8.04 -10.15
N SER A 100 -8.02 8.69 -9.42
CA SER A 100 -6.78 9.21 -9.99
C SER A 100 -5.95 8.06 -10.60
N LYS A 101 -6.04 6.88 -10.02
CA LYS A 101 -5.30 5.72 -10.50
C LYS A 101 -6.18 4.84 -11.41
N ARG A 102 -7.38 5.31 -11.71
CA ARG A 102 -8.33 4.55 -12.51
C ARG A 102 -8.32 5.01 -13.96
N ARG A 103 -8.64 4.09 -14.86
CA ARG A 103 -8.71 4.40 -16.29
C ARG A 103 -10.17 4.60 -16.71
N HIS A 104 -10.36 5.28 -17.82
CA HIS A 104 -11.69 5.46 -18.38
C HIS A 104 -11.66 5.18 -19.89
N GLU A 105 -12.56 4.34 -20.33
CA GLU A 105 -12.73 4.07 -21.76
C GLU A 105 -13.56 5.18 -22.39
N LEU B 1 21.32 4.45 -13.05
CA LEU B 1 20.54 3.83 -11.96
C LEU B 1 19.98 2.48 -12.40
N GLU B 2 20.73 1.43 -12.10
CA GLU B 2 20.34 0.08 -12.49
C GLU B 2 19.96 -0.74 -11.27
N SER B 3 19.25 -1.86 -11.51
CA SER B 3 18.79 -2.77 -10.45
C SER B 3 17.98 -2.03 -9.38
N LYS B 4 17.76 -2.71 -8.24
CA LYS B 4 17.10 -2.10 -7.08
C LYS B 4 15.65 -1.72 -7.41
N PRO B 5 14.70 -2.62 -7.14
CA PRO B 5 13.29 -2.41 -7.45
C PRO B 5 12.63 -1.42 -6.50
N TYR B 6 11.31 -1.26 -6.64
CA TYR B 6 10.55 -0.32 -5.82
C TYR B 6 10.12 -0.97 -4.52
N ASN B 7 10.29 -2.28 -4.45
CA ASN B 7 9.89 -3.04 -3.28
C ASN B 7 11.09 -3.29 -2.38
N PRO B 8 11.09 -2.70 -1.17
CA PRO B 8 12.20 -2.82 -0.22
C PRO B 8 12.27 -4.20 0.43
N PHE B 9 11.27 -5.04 0.17
CA PHE B 9 11.25 -6.39 0.70
C PHE B 9 11.53 -7.38 -0.41
N GLU B 10 11.85 -6.84 -1.59
CA GLU B 10 12.06 -7.64 -2.78
C GLU B 10 13.38 -7.21 -3.43
N GLU B 11 14.27 -6.71 -2.58
CA GLU B 11 15.56 -6.21 -3.04
C GLU B 11 16.63 -7.31 -3.00
N GLU B 12 17.46 -7.34 -4.05
CA GLU B 12 18.57 -8.28 -4.16
C GLU B 12 18.09 -9.73 -4.33
N GLU B 13 19.03 -10.65 -4.35
CA GLU B 13 18.73 -12.07 -4.54
C GLU B 13 19.21 -12.89 -3.34
N GLU B 14 20.51 -12.88 -3.10
CA GLU B 14 21.13 -13.70 -2.05
C GLU B 14 20.78 -15.16 -2.20
N ASP B 15 20.81 -15.61 -3.45
CA ASP B 15 20.53 -16.99 -3.80
C ASP B 15 21.78 -17.84 -3.61
CA CA C . 3.22 4.92 -5.29
N GLY A 1 -29.36 6.72 -23.43
CA GLY A 1 -29.94 5.95 -22.30
C GLY A 1 -29.49 6.50 -20.96
N PRO A 2 -30.20 6.14 -19.87
CA PRO A 2 -29.81 6.55 -18.51
C PRO A 2 -28.60 5.77 -18.01
N LEU A 3 -27.45 6.41 -18.05
CA LEU A 3 -26.19 5.77 -17.66
C LEU A 3 -26.17 5.43 -16.17
N GLY A 4 -26.00 4.15 -15.88
CA GLY A 4 -25.91 3.71 -14.50
C GLY A 4 -24.47 3.54 -14.06
N SER A 5 -24.05 4.30 -13.08
CA SER A 5 -22.68 4.24 -12.61
C SER A 5 -22.64 4.08 -11.09
N ASP A 6 -22.12 2.95 -10.64
CA ASP A 6 -21.98 2.70 -9.21
C ASP A 6 -20.61 3.16 -8.77
N ASP A 7 -20.51 4.38 -8.26
CA ASP A 7 -19.24 4.89 -7.77
C ASP A 7 -18.92 4.30 -6.41
N VAL A 8 -17.79 3.63 -6.33
CA VAL A 8 -17.39 2.94 -5.13
C VAL A 8 -16.43 3.79 -4.32
N GLU A 9 -16.68 3.88 -3.02
CA GLU A 9 -15.82 4.63 -2.13
C GLU A 9 -14.51 3.88 -1.90
N TRP A 10 -13.41 4.62 -1.87
CA TRP A 10 -12.11 4.04 -1.57
C TRP A 10 -12.08 3.65 -0.09
N VAL A 11 -12.26 2.35 0.16
CA VAL A 11 -12.44 1.81 1.51
C VAL A 11 -11.40 2.32 2.51
N VAL A 12 -10.21 2.56 2.03
CA VAL A 12 -9.11 2.97 2.89
C VAL A 12 -9.33 4.37 3.47
N GLY A 13 -10.16 5.16 2.80
CA GLY A 13 -10.49 6.47 3.31
C GLY A 13 -11.28 6.39 4.60
N LYS A 14 -11.93 5.24 4.81
CA LYS A 14 -12.78 5.04 5.97
C LYS A 14 -11.95 4.73 7.21
N ASP A 15 -10.72 4.28 6.98
CA ASP A 15 -9.84 3.88 8.08
C ASP A 15 -8.58 4.75 8.05
N LYS A 16 -8.66 5.84 7.30
CA LYS A 16 -7.53 6.77 7.15
C LYS A 16 -6.99 7.28 8.49
N PRO A 17 -7.85 7.68 9.46
CA PRO A 17 -7.38 8.18 10.78
C PRO A 17 -6.33 7.28 11.43
N THR A 18 -6.55 5.98 11.33
CA THR A 18 -5.64 5.01 11.92
C THR A 18 -4.31 5.00 11.16
N TYR A 19 -4.41 5.03 9.84
CA TYR A 19 -3.22 5.02 9.00
C TYR A 19 -2.50 6.36 9.10
N ASP A 20 -3.25 7.39 9.50
CA ASP A 20 -2.71 8.73 9.68
C ASP A 20 -1.80 8.72 10.90
N GLU A 21 -2.29 8.10 11.97
CA GLU A 21 -1.54 7.96 13.20
C GLU A 21 -0.21 7.27 12.95
N ILE A 22 -0.24 6.16 12.22
CA ILE A 22 0.97 5.38 11.98
C ILE A 22 1.89 6.07 10.95
N PHE A 23 1.28 6.67 9.94
CA PHE A 23 2.02 7.33 8.87
C PHE A 23 2.90 8.45 9.40
N TYR A 24 2.32 9.35 10.19
CA TYR A 24 3.05 10.51 10.66
C TYR A 24 4.09 10.15 11.72
N THR A 25 3.94 9.00 12.37
CA THR A 25 4.91 8.59 13.37
C THR A 25 6.17 7.99 12.73
N LEU A 26 6.17 7.88 11.40
CA LEU A 26 7.34 7.40 10.67
C LEU A 26 8.09 8.59 10.06
N SER A 27 7.66 9.79 10.42
CA SER A 27 8.31 11.03 9.98
C SER A 27 8.33 11.17 8.45
N PRO A 28 7.24 11.69 7.88
CA PRO A 28 7.13 11.88 6.43
C PRO A 28 7.88 13.10 5.95
N VAL A 29 8.48 13.00 4.78
CA VAL A 29 9.21 14.11 4.18
C VAL A 29 8.50 14.56 2.91
N ASN A 30 8.05 15.81 2.90
CA ASN A 30 7.33 16.38 1.77
C ASN A 30 6.05 15.60 1.47
N GLY A 31 5.49 14.98 2.51
CA GLY A 31 4.23 14.29 2.37
C GLY A 31 4.37 12.80 2.08
N LYS A 32 5.60 12.32 1.90
CA LYS A 32 5.80 10.89 1.67
C LYS A 32 6.89 10.36 2.58
N ILE A 33 6.77 9.09 2.94
CA ILE A 33 7.77 8.45 3.78
C ILE A 33 8.67 7.57 2.93
N THR A 34 9.86 7.29 3.47
CA THR A 34 10.86 6.50 2.77
C THR A 34 10.64 5.01 3.03
N GLY A 35 11.24 4.19 2.17
CA GLY A 35 11.09 2.76 2.28
C GLY A 35 11.70 2.20 3.56
N ALA A 36 12.71 2.88 4.08
CA ALA A 36 13.38 2.46 5.30
C ALA A 36 12.40 2.32 6.47
N ASN A 37 11.65 3.38 6.73
CA ASN A 37 10.77 3.43 7.89
C ASN A 37 9.56 2.54 7.69
N ALA A 38 9.08 2.44 6.46
CA ALA A 38 7.96 1.58 6.15
C ALA A 38 8.39 0.12 6.18
N LYS A 39 9.66 -0.15 5.87
CA LYS A 39 10.20 -1.49 5.94
C LYS A 39 10.23 -1.98 7.39
N LYS A 40 10.82 -1.16 8.27
CA LYS A 40 10.95 -1.54 9.67
C LYS A 40 9.58 -1.69 10.34
N GLU A 41 8.61 -0.86 9.96
CA GLU A 41 7.25 -0.99 10.48
C GLU A 41 6.62 -2.29 9.96
N MET A 42 6.79 -2.53 8.67
CA MET A 42 6.22 -3.70 8.01
C MET A 42 6.73 -4.98 8.65
N VAL A 43 8.03 -5.04 8.95
CA VAL A 43 8.62 -6.25 9.53
C VAL A 43 8.23 -6.38 11.00
N LYS A 44 8.01 -5.25 11.65
CA LYS A 44 7.56 -5.28 13.04
C LYS A 44 6.12 -5.78 13.13
N SER A 45 5.41 -5.75 12.01
CA SER A 45 4.05 -6.27 11.96
C SER A 45 4.06 -7.81 11.99
N LYS A 46 5.26 -8.40 11.88
CA LYS A 46 5.48 -9.84 12.03
C LYS A 46 4.97 -10.68 10.86
N LEU A 47 4.81 -10.06 9.70
CA LEU A 47 4.45 -10.81 8.51
C LEU A 47 5.70 -11.15 7.71
N PRO A 48 5.70 -12.30 7.01
CA PRO A 48 6.81 -12.70 6.14
C PRO A 48 7.08 -11.71 5.03
N ASN A 49 8.34 -11.65 4.58
CA ASN A 49 8.75 -10.70 3.54
C ASN A 49 7.93 -10.87 2.27
N THR A 50 7.53 -12.10 1.99
CA THR A 50 6.69 -12.39 0.85
C THR A 50 5.36 -11.63 0.95
N VAL A 51 4.84 -11.55 2.17
CA VAL A 51 3.58 -10.90 2.42
C VAL A 51 3.77 -9.40 2.36
N LEU A 52 4.89 -8.96 2.90
CA LEU A 52 5.30 -7.55 2.87
C LEU A 52 5.46 -7.06 1.44
N GLY A 53 6.11 -7.86 0.61
CA GLY A 53 6.26 -7.53 -0.79
C GLY A 53 4.92 -7.44 -1.49
N LYS A 54 3.99 -8.29 -1.08
CA LYS A 54 2.66 -8.31 -1.67
C LYS A 54 1.88 -7.08 -1.23
N ILE A 55 1.95 -6.78 0.06
CA ILE A 55 1.29 -5.62 0.63
C ILE A 55 1.82 -4.33 0.01
N TRP A 56 3.14 -4.20 0.00
CA TRP A 56 3.77 -3.00 -0.54
C TRP A 56 3.41 -2.83 -2.01
N LYS A 57 3.44 -3.91 -2.76
CA LYS A 57 3.21 -3.82 -4.20
C LYS A 57 1.77 -3.45 -4.51
N LEU A 58 0.87 -3.76 -3.60
CA LEU A 58 -0.52 -3.31 -3.72
C LEU A 58 -0.62 -1.82 -3.41
N ALA A 59 0.07 -1.43 -2.34
CA ALA A 59 0.06 -0.05 -1.89
C ALA A 59 0.74 0.87 -2.89
N ASP A 60 1.87 0.42 -3.41
CA ASP A 60 2.64 1.22 -4.35
C ASP A 60 2.28 0.83 -5.78
N VAL A 61 1.02 1.05 -6.10
CA VAL A 61 0.46 0.70 -7.40
C VAL A 61 1.10 1.50 -8.52
N ASP A 62 1.56 2.70 -8.18
CA ASP A 62 2.18 3.58 -9.16
C ASP A 62 3.68 3.30 -9.29
N LYS A 63 4.22 2.49 -8.37
CA LYS A 63 5.63 2.11 -8.38
C LYS A 63 6.55 3.33 -8.37
N ASP A 64 6.65 3.98 -7.22
CA ASP A 64 7.53 5.14 -7.08
C ASP A 64 8.58 4.90 -6.01
N GLY A 65 8.30 3.97 -5.11
CA GLY A 65 9.27 3.62 -4.08
C GLY A 65 8.98 4.25 -2.74
N LEU A 66 8.18 5.30 -2.73
CA LEU A 66 7.84 5.98 -1.48
C LEU A 66 6.38 5.74 -1.15
N LEU A 67 5.98 6.10 0.06
CA LEU A 67 4.59 5.95 0.45
C LEU A 67 4.00 7.27 0.93
N ASP A 68 3.03 7.77 0.18
CA ASP A 68 2.24 8.92 0.60
C ASP A 68 1.11 8.46 1.51
N ASP A 69 0.25 9.38 1.92
CA ASP A 69 -0.81 9.04 2.87
C ASP A 69 -1.74 7.99 2.28
N GLU A 70 -1.94 8.04 0.97
CA GLU A 70 -2.82 7.09 0.29
C GLU A 70 -2.14 5.73 0.16
N GLU A 71 -0.93 5.72 -0.37
CA GLU A 71 -0.19 4.48 -0.57
C GLU A 71 0.10 3.77 0.76
N PHE A 72 0.58 4.52 1.74
CA PHE A 72 0.89 3.94 3.05
C PHE A 72 -0.37 3.41 3.71
N ALA A 73 -1.46 4.12 3.52
CA ALA A 73 -2.74 3.70 4.06
C ALA A 73 -3.16 2.36 3.46
N LEU A 74 -2.90 2.19 2.17
CA LEU A 74 -3.14 0.90 1.51
C LEU A 74 -2.26 -0.19 2.10
N ALA A 75 -1.00 0.16 2.36
CA ALA A 75 -0.07 -0.78 2.99
C ALA A 75 -0.66 -1.28 4.30
N ASN A 76 -1.06 -0.34 5.15
CA ASN A 76 -1.58 -0.69 6.46
C ASN A 76 -2.94 -1.37 6.34
N HIS A 77 -3.62 -1.15 5.21
CA HIS A 77 -4.87 -1.85 4.92
C HIS A 77 -4.62 -3.34 4.88
N LEU A 78 -3.77 -3.73 3.95
CA LEU A 78 -3.47 -5.13 3.71
C LEU A 78 -2.87 -5.77 4.97
N ILE A 79 -2.10 -4.99 5.72
CA ILE A 79 -1.56 -5.44 7.00
C ILE A 79 -2.70 -5.77 7.96
N LYS A 80 -3.67 -4.87 8.06
CA LYS A 80 -4.81 -5.07 8.93
C LYS A 80 -5.63 -6.29 8.51
N VAL A 81 -5.73 -6.51 7.20
CA VAL A 81 -6.45 -7.68 6.69
C VAL A 81 -5.76 -8.96 7.15
N LYS A 82 -4.43 -8.92 7.20
CA LYS A 82 -3.66 -10.04 7.72
C LYS A 82 -3.81 -10.16 9.23
N LEU A 83 -4.04 -9.03 9.90
CA LEU A 83 -4.27 -9.02 11.34
C LEU A 83 -5.61 -9.68 11.67
N GLU A 84 -6.50 -9.75 10.68
CA GLU A 84 -7.73 -10.50 10.83
C GLU A 84 -7.52 -11.96 10.45
N GLY A 85 -6.30 -12.29 10.04
CA GLY A 85 -5.97 -13.63 9.62
C GLY A 85 -6.56 -13.96 8.27
N HIS A 86 -6.59 -12.97 7.40
CA HIS A 86 -7.15 -13.17 6.07
C HIS A 86 -6.06 -13.39 5.03
N GLU A 87 -6.48 -13.40 3.77
CA GLU A 87 -5.60 -13.73 2.66
C GLU A 87 -5.50 -12.55 1.71
N LEU A 88 -4.37 -12.45 1.01
CA LEU A 88 -4.18 -11.40 0.03
C LEU A 88 -3.98 -12.01 -1.35
N PRO A 89 -4.84 -11.64 -2.31
CA PRO A 89 -4.80 -12.17 -3.68
C PRO A 89 -3.75 -11.48 -4.55
N ALA A 90 -3.20 -10.37 -4.03
CA ALA A 90 -2.24 -9.55 -4.76
C ALA A 90 -2.89 -8.90 -5.97
N ASP A 91 -4.21 -8.84 -5.96
CA ASP A 91 -4.96 -8.20 -7.03
C ASP A 91 -5.53 -6.87 -6.56
N LEU A 92 -5.44 -5.87 -7.42
CA LEU A 92 -5.94 -4.55 -7.09
C LEU A 92 -7.35 -4.34 -7.66
N PRO A 93 -8.36 -4.29 -6.76
CA PRO A 93 -9.74 -4.02 -7.13
C PRO A 93 -10.01 -2.51 -7.26
N PRO A 94 -11.08 -2.13 -7.95
CA PRO A 94 -11.42 -0.72 -8.18
C PRO A 94 -11.62 0.07 -6.89
N HIS A 95 -11.99 -0.63 -5.81
CA HIS A 95 -12.22 0.04 -4.53
C HIS A 95 -10.93 0.11 -3.70
N LEU A 96 -9.81 -0.25 -4.30
CA LEU A 96 -8.51 -0.15 -3.63
C LEU A 96 -7.54 0.70 -4.46
N VAL A 97 -7.83 0.87 -5.74
CA VAL A 97 -7.00 1.70 -6.60
C VAL A 97 -7.50 3.15 -6.55
N PRO A 98 -6.72 4.04 -5.91
CA PRO A 98 -7.09 5.44 -5.73
C PRO A 98 -7.06 6.20 -7.04
N PRO A 99 -7.96 7.19 -7.20
CA PRO A 99 -8.04 8.03 -8.40
C PRO A 99 -6.75 8.79 -8.64
N SER A 100 -5.97 8.97 -7.58
CA SER A 100 -4.68 9.64 -7.67
C SER A 100 -3.70 8.83 -8.53
N LYS A 101 -3.98 7.54 -8.70
CA LYS A 101 -3.13 6.69 -9.52
C LYS A 101 -3.84 6.28 -10.81
N ARG A 102 -4.87 7.04 -11.16
CA ARG A 102 -5.63 6.76 -12.38
C ARG A 102 -5.13 7.61 -13.55
N ARG A 103 -4.75 6.95 -14.63
CA ARG A 103 -4.25 7.64 -15.81
C ARG A 103 -5.40 8.14 -16.67
N HIS A 104 -5.64 9.44 -16.63
CA HIS A 104 -6.59 10.08 -17.52
C HIS A 104 -5.82 10.95 -18.50
N GLU A 105 -5.75 10.50 -19.75
CA GLU A 105 -5.00 11.21 -20.77
C GLU A 105 -5.88 12.25 -21.44
N LEU B 1 23.17 -0.86 -16.18
CA LEU B 1 22.33 -1.96 -16.71
C LEU B 1 21.34 -2.42 -15.65
N GLU B 2 21.11 -1.56 -14.66
CA GLU B 2 20.35 -1.94 -13.50
C GLU B 2 18.87 -1.62 -13.69
N SER B 3 18.02 -2.49 -13.17
CA SER B 3 16.61 -2.23 -13.10
C SER B 3 16.07 -2.88 -11.84
N LYS B 4 16.25 -2.19 -10.72
CA LYS B 4 15.82 -2.71 -9.44
C LYS B 4 14.40 -2.22 -9.15
N PRO B 5 13.61 -3.06 -8.46
CA PRO B 5 12.20 -2.76 -8.19
C PRO B 5 12.02 -1.62 -7.20
N TYR B 6 10.77 -1.31 -6.90
CA TYR B 6 10.43 -0.19 -6.05
C TYR B 6 9.95 -0.71 -4.71
N ASN B 7 10.00 -2.02 -4.56
CA ASN B 7 9.57 -2.68 -3.34
C ASN B 7 10.79 -3.08 -2.52
N PRO B 8 10.90 -2.55 -1.29
CA PRO B 8 12.04 -2.82 -0.40
C PRO B 8 12.07 -4.27 0.09
N PHE B 9 11.03 -5.02 -0.21
CA PHE B 9 10.97 -6.44 0.14
C PHE B 9 11.15 -7.30 -1.10
N GLU B 10 11.39 -6.63 -2.22
CA GLU B 10 11.47 -7.27 -3.51
C GLU B 10 12.86 -7.07 -4.10
N GLU B 11 13.78 -6.63 -3.25
CA GLU B 11 15.13 -6.32 -3.68
C GLU B 11 16.01 -7.57 -3.76
N GLU B 12 16.27 -8.00 -5.01
CA GLU B 12 17.20 -9.09 -5.32
C GLU B 12 16.62 -10.46 -4.98
N GLU B 13 16.34 -11.23 -6.03
CA GLU B 13 15.91 -12.62 -5.88
C GLU B 13 16.42 -13.45 -7.05
N GLU B 14 15.82 -13.24 -8.21
CA GLU B 14 16.19 -13.95 -9.42
C GLU B 14 16.80 -12.99 -10.44
N ASP B 15 15.97 -12.18 -11.07
CA ASP B 15 16.42 -11.19 -12.03
C ASP B 15 15.46 -10.00 -12.00
CA CA C . 3.77 4.73 -5.13
N GLY A 1 -22.83 10.09 -26.65
CA GLY A 1 -22.33 8.87 -25.98
C GLY A 1 -22.64 8.87 -24.51
N PRO A 2 -23.21 7.77 -24.00
CA PRO A 2 -23.56 7.64 -22.58
C PRO A 2 -22.34 7.40 -21.70
N LEU A 3 -22.17 8.23 -20.68
CA LEU A 3 -21.06 8.10 -19.76
C LEU A 3 -21.48 7.31 -18.52
N GLY A 4 -20.54 6.58 -17.95
CA GLY A 4 -20.81 5.87 -16.72
C GLY A 4 -20.16 6.55 -15.54
N SER A 5 -20.93 6.77 -14.49
CA SER A 5 -20.42 7.45 -13.31
C SER A 5 -19.43 6.56 -12.55
N ASP A 6 -18.16 6.95 -12.56
CA ASP A 6 -17.13 6.18 -11.88
C ASP A 6 -16.89 6.72 -10.47
N ASP A 7 -17.60 6.16 -9.51
CA ASP A 7 -17.39 6.46 -8.10
C ASP A 7 -17.60 5.21 -7.26
N VAL A 8 -16.57 4.80 -6.56
CA VAL A 8 -16.58 3.55 -5.81
C VAL A 8 -16.26 3.82 -4.33
N GLU A 9 -16.68 2.92 -3.44
CA GLU A 9 -16.39 3.08 -2.03
C GLU A 9 -14.92 2.74 -1.73
N TRP A 10 -14.13 3.78 -1.49
CA TRP A 10 -12.74 3.57 -1.12
C TRP A 10 -12.67 3.28 0.39
N VAL A 11 -12.55 1.99 0.71
CA VAL A 11 -12.74 1.50 2.08
C VAL A 11 -11.79 2.14 3.09
N VAL A 12 -10.54 2.34 2.71
CA VAL A 12 -9.51 2.78 3.67
C VAL A 12 -9.76 4.23 4.12
N GLY A 13 -10.66 4.92 3.44
CA GLY A 13 -10.99 6.27 3.81
C GLY A 13 -11.76 6.32 5.13
N LYS A 14 -12.27 5.16 5.55
CA LYS A 14 -13.05 5.08 6.77
C LYS A 14 -12.14 5.07 7.99
N ASP A 15 -10.93 4.57 7.81
CA ASP A 15 -10.00 4.43 8.92
C ASP A 15 -8.72 5.22 8.64
N LYS A 16 -8.86 6.23 7.76
CA LYS A 16 -7.75 7.11 7.43
C LYS A 16 -7.08 7.72 8.67
N PRO A 17 -7.84 8.18 9.70
CA PRO A 17 -7.26 8.74 10.93
C PRO A 17 -6.16 7.86 11.52
N THR A 18 -6.40 6.56 11.54
CA THR A 18 -5.44 5.61 12.10
C THR A 18 -4.21 5.50 11.21
N TYR A 19 -4.45 5.39 9.90
CA TYR A 19 -3.36 5.24 8.94
C TYR A 19 -2.58 6.56 8.82
N ASP A 20 -3.27 7.64 9.18
CA ASP A 20 -2.70 8.98 9.15
C ASP A 20 -1.73 9.13 10.31
N GLU A 21 -2.16 8.64 11.47
CA GLU A 21 -1.33 8.64 12.67
C GLU A 21 -0.02 7.93 12.41
N ILE A 22 -0.14 6.70 11.91
CA ILE A 22 1.02 5.85 11.67
C ILE A 22 1.93 6.47 10.61
N PHE A 23 1.33 7.03 9.58
CA PHE A 23 2.07 7.65 8.49
C PHE A 23 2.95 8.80 9.02
N TYR A 24 2.43 9.54 9.99
CA TYR A 24 3.16 10.68 10.54
C TYR A 24 4.17 10.23 11.60
N THR A 25 3.96 9.07 12.20
CA THR A 25 4.89 8.57 13.21
C THR A 25 6.14 7.98 12.55
N LEU A 26 6.02 7.67 11.26
CA LEU A 26 7.15 7.13 10.49
C LEU A 26 7.92 8.27 9.83
N SER A 27 7.50 9.50 10.13
CA SER A 27 8.14 10.71 9.61
C SER A 27 7.94 10.86 8.11
N PRO A 28 6.87 11.55 7.70
CA PRO A 28 6.58 11.82 6.31
C PRO A 28 7.40 12.99 5.80
N VAL A 29 8.52 12.70 5.17
CA VAL A 29 9.42 13.74 4.70
C VAL A 29 9.01 14.21 3.33
N ASN A 30 8.65 15.50 3.25
CA ASN A 30 8.20 16.12 2.00
C ASN A 30 6.90 15.49 1.50
N GLY A 31 6.15 14.89 2.44
CA GLY A 31 4.86 14.32 2.10
C GLY A 31 4.97 12.90 1.56
N LYS A 32 5.93 12.13 2.05
CA LYS A 32 6.07 10.73 1.65
C LYS A 32 7.01 10.04 2.63
N ILE A 33 6.75 8.78 2.93
CA ILE A 33 7.66 8.02 3.78
C ILE A 33 8.53 7.09 2.94
N THR A 34 9.77 6.89 3.37
CA THR A 34 10.71 6.09 2.61
C THR A 34 10.55 4.60 2.92
N GLY A 35 11.15 3.78 2.08
CA GLY A 35 11.08 2.34 2.27
C GLY A 35 11.79 1.89 3.54
N ALA A 36 12.64 2.75 4.08
CA ALA A 36 13.38 2.45 5.31
C ALA A 36 12.44 2.36 6.49
N ASN A 37 11.65 3.41 6.69
CA ASN A 37 10.80 3.51 7.87
C ASN A 37 9.66 2.51 7.77
N ALA A 38 9.10 2.37 6.59
CA ALA A 38 8.02 1.44 6.38
C ALA A 38 8.51 0.01 6.50
N LYS A 39 9.79 -0.23 6.17
CA LYS A 39 10.39 -1.54 6.36
C LYS A 39 10.46 -1.87 7.86
N LYS A 40 10.80 -0.85 8.64
CA LYS A 40 10.86 -0.99 10.09
C LYS A 40 9.51 -1.38 10.66
N GLU A 41 8.45 -0.74 10.16
CA GLU A 41 7.08 -1.04 10.60
C GLU A 41 6.69 -2.47 10.21
N MET A 42 6.99 -2.83 8.96
CA MET A 42 6.67 -4.16 8.45
C MET A 42 7.28 -5.25 9.33
N VAL A 43 8.55 -5.09 9.67
CA VAL A 43 9.25 -6.09 10.46
C VAL A 43 8.81 -6.04 11.93
N LYS A 44 8.19 -4.92 12.34
CA LYS A 44 7.60 -4.85 13.67
C LYS A 44 6.37 -5.74 13.73
N SER A 45 5.70 -5.88 12.59
CA SER A 45 4.49 -6.67 12.51
C SER A 45 4.80 -8.17 12.49
N LYS A 46 6.10 -8.49 12.37
CA LYS A 46 6.57 -9.87 12.36
C LYS A 46 6.00 -10.62 11.16
N LEU A 47 5.71 -9.87 10.12
CA LEU A 47 5.08 -10.41 8.93
C LEU A 47 6.14 -10.87 7.94
N PRO A 48 5.94 -12.04 7.31
CA PRO A 48 6.90 -12.63 6.36
C PRO A 48 7.27 -11.70 5.21
N ASN A 49 8.52 -11.77 4.77
CA ASN A 49 9.05 -10.92 3.69
C ASN A 49 8.16 -10.96 2.45
N THR A 50 7.68 -12.17 2.12
CA THR A 50 6.81 -12.36 0.96
C THR A 50 5.56 -11.49 1.06
N VAL A 51 5.08 -11.31 2.28
CA VAL A 51 3.86 -10.58 2.52
C VAL A 51 4.15 -9.09 2.37
N LEU A 52 5.30 -8.69 2.92
CA LEU A 52 5.78 -7.32 2.79
C LEU A 52 5.91 -6.94 1.32
N GLY A 53 6.48 -7.84 0.53
CA GLY A 53 6.57 -7.63 -0.90
C GLY A 53 5.21 -7.41 -1.54
N LYS A 54 4.21 -8.17 -1.11
CA LYS A 54 2.87 -8.06 -1.69
C LYS A 54 2.21 -6.76 -1.26
N ILE A 55 2.30 -6.46 0.03
CA ILE A 55 1.74 -5.24 0.57
C ILE A 55 2.31 -4.04 -0.16
N TRP A 56 3.62 -3.99 -0.26
CA TRP A 56 4.29 -2.87 -0.89
C TRP A 56 3.93 -2.80 -2.39
N LYS A 57 3.92 -3.96 -3.04
CA LYS A 57 3.69 -4.03 -4.48
C LYS A 57 2.29 -3.54 -4.85
N LEU A 58 1.34 -3.78 -3.96
CA LEU A 58 -0.05 -3.37 -4.19
C LEU A 58 -0.28 -1.94 -3.72
N ALA A 59 0.27 -1.59 -2.56
CA ALA A 59 0.08 -0.28 -1.97
C ALA A 59 0.70 0.82 -2.83
N ASP A 60 1.91 0.56 -3.34
CA ASP A 60 2.59 1.53 -4.19
C ASP A 60 2.13 1.35 -5.63
N VAL A 61 1.06 2.04 -5.96
CA VAL A 61 0.43 1.93 -7.27
C VAL A 61 1.14 2.82 -8.30
N ASP A 62 1.55 4.00 -7.85
CA ASP A 62 2.12 5.01 -8.74
C ASP A 62 3.55 4.65 -9.11
N LYS A 63 4.15 3.76 -8.32
CA LYS A 63 5.51 3.28 -8.54
C LYS A 63 6.52 4.41 -8.43
N ASP A 64 6.43 5.16 -7.33
CA ASP A 64 7.38 6.21 -7.03
C ASP A 64 8.52 5.66 -6.17
N GLY A 65 8.26 4.50 -5.57
CA GLY A 65 9.28 3.85 -4.76
C GLY A 65 9.14 4.17 -3.29
N LEU A 66 8.18 5.02 -2.96
CA LEU A 66 7.92 5.41 -1.59
C LEU A 66 6.44 5.19 -1.28
N LEU A 67 6.03 5.46 -0.04
CA LEU A 67 4.63 5.34 0.31
C LEU A 67 4.03 6.70 0.66
N ASP A 68 3.11 7.15 -0.17
CA ASP A 68 2.36 8.37 0.09
C ASP A 68 1.16 8.04 0.99
N ASP A 69 0.31 9.02 1.30
CA ASP A 69 -0.74 8.83 2.31
C ASP A 69 -1.79 7.83 1.86
N GLU A 70 -2.10 7.82 0.56
CA GLU A 70 -3.06 6.85 0.03
C GLU A 70 -2.44 5.46 0.00
N GLU A 71 -1.20 5.40 -0.42
CA GLU A 71 -0.49 4.13 -0.59
C GLU A 71 -0.25 3.47 0.75
N PHE A 72 0.21 4.25 1.71
CA PHE A 72 0.50 3.74 3.04
C PHE A 72 -0.77 3.32 3.77
N ALA A 73 -1.84 4.07 3.56
CA ALA A 73 -3.12 3.73 4.14
C ALA A 73 -3.61 2.39 3.61
N LEU A 74 -3.42 2.17 2.32
CA LEU A 74 -3.75 0.90 1.70
C LEU A 74 -2.83 -0.19 2.22
N ALA A 75 -1.57 0.16 2.46
CA ALA A 75 -0.60 -0.76 3.05
C ALA A 75 -1.11 -1.25 4.41
N ASN A 76 -1.47 -0.31 5.28
CA ASN A 76 -1.99 -0.66 6.61
C ASN A 76 -3.27 -1.47 6.48
N HIS A 77 -4.11 -1.07 5.53
CA HIS A 77 -5.37 -1.78 5.30
C HIS A 77 -5.12 -3.23 4.95
N LEU A 78 -4.20 -3.47 4.02
CA LEU A 78 -3.89 -4.82 3.56
C LEU A 78 -3.30 -5.66 4.69
N ILE A 79 -2.42 -5.07 5.47
CA ILE A 79 -1.84 -5.73 6.64
C ILE A 79 -2.96 -6.09 7.62
N LYS A 80 -3.90 -5.17 7.78
CA LYS A 80 -5.08 -5.42 8.59
C LYS A 80 -5.87 -6.61 8.05
N VAL A 81 -6.01 -6.69 6.72
CA VAL A 81 -6.71 -7.82 6.10
C VAL A 81 -6.07 -9.13 6.51
N LYS A 82 -4.74 -9.15 6.57
CA LYS A 82 -4.01 -10.32 7.04
C LYS A 82 -4.41 -10.63 8.48
N LEU A 83 -4.46 -9.59 9.30
CA LEU A 83 -4.80 -9.73 10.71
C LEU A 83 -6.26 -10.12 10.89
N GLU A 84 -7.09 -9.79 9.89
CA GLU A 84 -8.49 -10.18 9.90
C GLU A 84 -8.63 -11.68 9.67
N GLY A 85 -7.60 -12.28 9.08
CA GLY A 85 -7.63 -13.70 8.78
C GLY A 85 -7.68 -13.99 7.30
N HIS A 86 -7.45 -12.96 6.50
CA HIS A 86 -7.52 -13.09 5.05
C HIS A 86 -6.18 -12.71 4.44
N GLU A 87 -6.08 -12.77 3.12
CA GLU A 87 -4.89 -12.33 2.43
C GLU A 87 -5.28 -11.58 1.15
N LEU A 88 -4.36 -10.78 0.64
CA LEU A 88 -4.61 -9.98 -0.56
C LEU A 88 -4.17 -10.74 -1.81
N PRO A 89 -5.09 -10.92 -2.76
CA PRO A 89 -4.90 -11.82 -3.92
C PRO A 89 -3.89 -11.31 -4.96
N ALA A 90 -3.08 -10.33 -4.55
CA ALA A 90 -2.11 -9.69 -5.43
C ALA A 90 -2.81 -8.91 -6.53
N ASP A 91 -4.08 -8.61 -6.30
CA ASP A 91 -4.87 -7.81 -7.21
C ASP A 91 -5.34 -6.56 -6.50
N LEU A 92 -5.47 -5.47 -7.23
CA LEU A 92 -6.06 -4.26 -6.71
C LEU A 92 -7.50 -4.13 -7.18
N PRO A 93 -8.48 -4.53 -6.35
CA PRO A 93 -9.89 -4.40 -6.68
C PRO A 93 -10.31 -2.93 -6.77
N PRO A 94 -11.28 -2.61 -7.64
CA PRO A 94 -11.73 -1.22 -7.87
C PRO A 94 -12.09 -0.46 -6.60
N HIS A 95 -12.52 -1.17 -5.56
CA HIS A 95 -12.91 -0.52 -4.31
C HIS A 95 -11.70 -0.26 -3.41
N LEU A 96 -10.51 -0.51 -3.95
CA LEU A 96 -9.27 -0.27 -3.21
C LEU A 96 -8.26 0.50 -4.07
N VAL A 97 -8.30 0.28 -5.37
CA VAL A 97 -7.40 0.98 -6.29
C VAL A 97 -7.96 2.36 -6.63
N PRO A 98 -7.16 3.42 -6.38
CA PRO A 98 -7.55 4.80 -6.70
C PRO A 98 -7.86 4.98 -8.19
N PRO A 99 -9.01 5.59 -8.50
CA PRO A 99 -9.50 5.75 -9.87
C PRO A 99 -8.54 6.51 -10.77
N SER A 100 -7.74 7.38 -10.16
CA SER A 100 -6.77 8.18 -10.90
C SER A 100 -5.66 7.30 -11.49
N LYS A 101 -5.41 6.17 -10.85
CA LYS A 101 -4.32 5.29 -11.24
C LYS A 101 -4.83 4.16 -12.14
N ARG A 102 -5.88 4.43 -12.91
CA ARG A 102 -6.44 3.44 -13.80
C ARG A 102 -6.01 3.68 -15.24
N ARG A 103 -5.20 2.77 -15.76
CA ARG A 103 -4.76 2.81 -17.14
C ARG A 103 -5.38 1.65 -17.91
N HIS A 104 -5.44 1.79 -19.23
CA HIS A 104 -6.11 0.78 -20.06
C HIS A 104 -5.12 -0.17 -20.71
N GLU A 105 -5.19 -1.43 -20.31
CA GLU A 105 -4.41 -2.50 -20.91
C GLU A 105 -4.87 -3.85 -20.36
N LEU B 1 23.27 -4.04 -18.98
CA LEU B 1 23.05 -3.34 -17.70
C LEU B 1 21.59 -3.44 -17.31
N GLU B 2 21.34 -3.86 -16.08
CA GLU B 2 19.99 -3.99 -15.55
C GLU B 2 19.79 -3.08 -14.34
N SER B 3 18.54 -2.90 -13.94
CA SER B 3 18.21 -2.03 -12.83
C SER B 3 17.79 -2.85 -11.60
N LYS B 4 17.18 -2.18 -10.64
CA LYS B 4 16.67 -2.84 -9.45
C LYS B 4 15.16 -2.69 -9.35
N PRO B 5 14.48 -3.58 -8.61
CA PRO B 5 13.05 -3.47 -8.37
C PRO B 5 12.69 -2.30 -7.46
N TYR B 6 11.40 -2.01 -7.37
CA TYR B 6 10.92 -0.87 -6.58
C TYR B 6 10.66 -1.30 -5.14
N ASN B 7 10.64 -2.60 -4.93
CA ASN B 7 10.21 -3.19 -3.67
C ASN B 7 11.41 -3.50 -2.78
N PRO B 8 11.53 -2.81 -1.63
CA PRO B 8 12.66 -2.95 -0.71
C PRO B 8 12.64 -4.28 0.05
N PHE B 9 11.61 -5.09 -0.17
CA PHE B 9 11.53 -6.42 0.43
C PHE B 9 11.78 -7.48 -0.61
N GLU B 10 11.52 -7.12 -1.86
CA GLU B 10 11.57 -8.03 -2.97
C GLU B 10 12.80 -7.71 -3.85
N GLU B 11 13.77 -7.04 -3.24
CA GLU B 11 15.03 -6.75 -3.91
C GLU B 11 15.75 -8.03 -4.32
N GLU B 12 16.39 -7.99 -5.50
CA GLU B 12 17.22 -9.08 -6.00
C GLU B 12 16.33 -10.23 -6.49
N GLU B 13 15.80 -10.06 -7.69
CA GLU B 13 14.99 -11.07 -8.33
C GLU B 13 15.75 -11.74 -9.46
N GLU B 14 15.31 -12.92 -9.86
CA GLU B 14 15.92 -13.62 -10.97
C GLU B 14 14.89 -13.82 -12.09
N ASP B 15 13.88 -14.63 -11.79
CA ASP B 15 12.74 -14.82 -12.68
C ASP B 15 11.45 -14.68 -11.88
CA CA C . 3.90 5.30 -4.60
#